data_1DN5
# 
_entry.id   1DN5 
# 
_audit_conform.dict_name       mmcif_pdbx.dic 
_audit_conform.dict_version    5.385 
_audit_conform.dict_location   http://mmcif.pdb.org/dictionaries/ascii/mmcif_pdbx.dic 
# 
loop_
_database_2.database_id 
_database_2.database_code 
_database_2.pdbx_database_accession 
_database_2.pdbx_DOI 
PDB   1DN5         pdb_00001dn5 10.2210/pdb1dn5/pdb 
RCSB  ZDFB05       ?            ?                   
WWPDB D_1000172850 ?            ?                   
# 
loop_
_pdbx_audit_revision_history.ordinal 
_pdbx_audit_revision_history.data_content_type 
_pdbx_audit_revision_history.major_revision 
_pdbx_audit_revision_history.minor_revision 
_pdbx_audit_revision_history.revision_date 
1 'Structure model' 1 0 1987-04-16 
2 'Structure model' 1 1 2008-05-22 
3 'Structure model' 1 2 2011-07-13 
4 'Structure model' 1 3 2018-01-24 
5 'Structure model' 1 4 2018-04-18 
6 'Structure model' 1 5 2024-02-07 
# 
_pdbx_audit_revision_details.ordinal             1 
_pdbx_audit_revision_details.revision_ordinal    1 
_pdbx_audit_revision_details.data_content_type   'Structure model' 
_pdbx_audit_revision_details.provider            repository 
_pdbx_audit_revision_details.type                'Initial release' 
_pdbx_audit_revision_details.description         ? 
_pdbx_audit_revision_details.details             ? 
# 
loop_
_pdbx_audit_revision_group.ordinal 
_pdbx_audit_revision_group.revision_ordinal 
_pdbx_audit_revision_group.data_content_type 
_pdbx_audit_revision_group.group 
1 2 'Structure model' 'Version format compliance' 
2 3 'Structure model' 'Version format compliance' 
3 4 'Structure model' 'Experimental preparation'  
4 5 'Structure model' 'Data collection'           
5 6 'Structure model' 'Data collection'           
6 6 'Structure model' 'Database references'       
7 6 'Structure model' 'Derived calculations'      
# 
loop_
_pdbx_audit_revision_category.ordinal 
_pdbx_audit_revision_category.revision_ordinal 
_pdbx_audit_revision_category.data_content_type 
_pdbx_audit_revision_category.category 
1 4 'Structure model' exptl_crystal_grow 
2 5 'Structure model' diffrn_detector    
3 6 'Structure model' chem_comp_atom     
4 6 'Structure model' chem_comp_bond     
5 6 'Structure model' database_2         
6 6 'Structure model' struct_conn        
# 
loop_
_pdbx_audit_revision_item.ordinal 
_pdbx_audit_revision_item.revision_ordinal 
_pdbx_audit_revision_item.data_content_type 
_pdbx_audit_revision_item.item 
1 4 'Structure model' '_exptl_crystal_grow.temp'            
2 5 'Structure model' '_diffrn_detector.detector'           
3 6 'Structure model' '_database_2.pdbx_DOI'                
4 6 'Structure model' '_database_2.pdbx_database_accession' 
5 6 'Structure model' '_struct_conn.pdbx_leaving_atom_flag' 
# 
_pdbx_database_status.status_code                     REL 
_pdbx_database_status.entry_id                        1DN5 
_pdbx_database_status.recvd_initial_deposition_date   1986-12-01 
_pdbx_database_status.deposit_site                    BNL 
_pdbx_database_status.process_site                    BNL 
_pdbx_database_status.status_code_sf                  REL 
_pdbx_database_status.status_code_mr                  ? 
_pdbx_database_status.SG_entry                        ? 
_pdbx_database_status.pdb_format_compatible           Y 
_pdbx_database_status.status_code_cs                  ? 
_pdbx_database_status.methods_development_category    ? 
_pdbx_database_status.status_code_nmr_data            ? 
# 
loop_
_audit_author.name 
_audit_author.pdbx_ordinal 
'Chevrier, B.' 1 
'Dock, A.C.'   2 
'Hartmann, B.' 3 
'Leng, M.'     4 
'Moras, D.'    5 
'Thuong, M.T.' 6 
'Westhof, E.'  7 
# 
_citation.id                        primary 
_citation.title                     
'Solvation of the left-handed hexamer d(5BrC-G-5BrC-G-5 BrC-G) in crystals grown at two temperatures.' 
_citation.journal_abbrev            J.Mol.Biol. 
_citation.journal_volume            188 
_citation.page_first                707 
_citation.page_last                 719 
_citation.year                      1986 
_citation.journal_id_ASTM           JMOBAK 
_citation.country                   UK 
_citation.journal_id_ISSN           0022-2836 
_citation.journal_id_CSD            0070 
_citation.book_publisher            ? 
_citation.pdbx_database_id_PubMed   3735433 
_citation.pdbx_database_id_DOI      '10.1016/S0022-2836(86)80016-X' 
# 
loop_
_citation_author.citation_id 
_citation_author.name 
_citation_author.ordinal 
_citation_author.identifier_ORCID 
primary 'Chevrier, B.' 1 ? 
primary 'Dock, A.C.'   2 ? 
primary 'Hartmann, B.' 3 ? 
primary 'Leng, M.'     4 ? 
primary 'Moras, D.'    5 ? 
primary 'Thuong, M.T.' 6 ? 
primary 'Westhof, E.'  7 ? 
# 
loop_
_entity.id 
_entity.type 
_entity.src_method 
_entity.pdbx_description 
_entity.formula_weight 
_entity.pdbx_number_of_molecules 
_entity.pdbx_ec 
_entity.pdbx_mutation 
_entity.pdbx_fragment 
_entity.details 
1 polymer syn 
;DNA (5'-D(*(CBR)P*GP*(CBR)P*GP*(CBR)P*G)-3')
;
2046.893 2  ? ? ? ? 
2 water   nat water                                          18.015   83 ? ? ? ? 
# 
_entity_poly.entity_id                      1 
_entity_poly.type                           polydeoxyribonucleotide 
_entity_poly.nstd_linkage                   no 
_entity_poly.nstd_monomer                   yes 
_entity_poly.pdbx_seq_one_letter_code       '(CBR)(DG)(CBR)(DG)(CBR)(DG)' 
_entity_poly.pdbx_seq_one_letter_code_can   CGCGCG 
_entity_poly.pdbx_strand_id                 A,B 
_entity_poly.pdbx_target_identifier         ? 
# 
_pdbx_entity_nonpoly.entity_id   2 
_pdbx_entity_nonpoly.name        water 
_pdbx_entity_nonpoly.comp_id     HOH 
# 
loop_
_entity_poly_seq.entity_id 
_entity_poly_seq.num 
_entity_poly_seq.mon_id 
_entity_poly_seq.hetero 
1 1 CBR n 
1 2 DG  n 
1 3 CBR n 
1 4 DG  n 
1 5 CBR n 
1 6 DG  n 
# 
loop_
_chem_comp.id 
_chem_comp.type 
_chem_comp.mon_nstd_flag 
_chem_comp.name 
_chem_comp.pdbx_synonyms 
_chem_comp.formula 
_chem_comp.formula_weight 
CBR 'DNA linking' n "5-BROMO-2'-DEOXY-CYTIDINE-5'-MONOPHOSPHATE" ? 'C9 H13 Br N3 O7 P' 386.093 
DG  'DNA linking' y "2'-DEOXYGUANOSINE-5'-MONOPHOSPHATE"         ? 'C10 H14 N5 O7 P'   347.221 
HOH non-polymer   . WATER                                        ? 'H2 O'              18.015  
# 
loop_
_pdbx_poly_seq_scheme.asym_id 
_pdbx_poly_seq_scheme.entity_id 
_pdbx_poly_seq_scheme.seq_id 
_pdbx_poly_seq_scheme.mon_id 
_pdbx_poly_seq_scheme.ndb_seq_num 
_pdbx_poly_seq_scheme.pdb_seq_num 
_pdbx_poly_seq_scheme.auth_seq_num 
_pdbx_poly_seq_scheme.pdb_mon_id 
_pdbx_poly_seq_scheme.auth_mon_id 
_pdbx_poly_seq_scheme.pdb_strand_id 
_pdbx_poly_seq_scheme.pdb_ins_code 
_pdbx_poly_seq_scheme.hetero 
A 1 1 CBR 1 1  1  CBR C A . n 
A 1 2 DG  2 2  2  DG  G A . n 
A 1 3 CBR 3 3  3  CBR C A . n 
A 1 4 DG  4 4  4  DG  G A . n 
A 1 5 CBR 5 5  5  CBR C A . n 
A 1 6 DG  6 6  6  DG  G A . n 
B 1 1 CBR 1 7  7  CBR C B . n 
B 1 2 DG  2 8  8  DG  G B . n 
B 1 3 CBR 3 9  9  CBR C B . n 
B 1 4 DG  4 10 10 DG  G B . n 
B 1 5 CBR 5 11 11 CBR C B . n 
B 1 6 DG  6 12 12 DG  G B . n 
# 
loop_
_pdbx_nonpoly_scheme.asym_id 
_pdbx_nonpoly_scheme.entity_id 
_pdbx_nonpoly_scheme.mon_id 
_pdbx_nonpoly_scheme.ndb_seq_num 
_pdbx_nonpoly_scheme.pdb_seq_num 
_pdbx_nonpoly_scheme.auth_seq_num 
_pdbx_nonpoly_scheme.pdb_mon_id 
_pdbx_nonpoly_scheme.auth_mon_id 
_pdbx_nonpoly_scheme.pdb_strand_id 
_pdbx_nonpoly_scheme.pdb_ins_code 
C 2 HOH 1  13 13 HOH HOH A . 
C 2 HOH 2  15 15 HOH HOH A . 
C 2 HOH 3  17 17 HOH HOH A . 
C 2 HOH 4  18 18 HOH HOH A . 
C 2 HOH 5  19 19 HOH HOH A . 
C 2 HOH 6  22 22 HOH HOH A . 
C 2 HOH 7  23 23 HOH HOH A . 
C 2 HOH 8  25 25 HOH HOH A . 
C 2 HOH 9  32 32 HOH HOH A . 
C 2 HOH 10 35 35 HOH HOH A . 
C 2 HOH 11 38 38 HOH HOH A . 
C 2 HOH 12 39 39 HOH HOH A . 
C 2 HOH 13 40 40 HOH HOH A . 
C 2 HOH 14 41 41 HOH HOH A . 
C 2 HOH 15 42 42 HOH HOH A . 
C 2 HOH 16 45 45 HOH HOH A . 
C 2 HOH 17 47 47 HOH HOH A . 
C 2 HOH 18 48 48 HOH HOH A . 
C 2 HOH 19 51 51 HOH HOH A . 
C 2 HOH 20 52 52 HOH HOH A . 
C 2 HOH 21 53 53 HOH HOH A . 
C 2 HOH 22 54 54 HOH HOH A . 
C 2 HOH 23 56 56 HOH HOH A . 
C 2 HOH 24 57 57 HOH HOH A . 
C 2 HOH 25 58 58 HOH HOH A . 
C 2 HOH 26 60 60 HOH HOH A . 
C 2 HOH 27 62 62 HOH HOH A . 
C 2 HOH 28 64 64 HOH HOH A . 
C 2 HOH 29 65 65 HOH HOH A . 
C 2 HOH 30 66 66 HOH HOH A . 
C 2 HOH 31 69 69 HOH HOH A . 
C 2 HOH 32 72 72 HOH HOH A . 
C 2 HOH 33 73 73 HOH HOH A . 
C 2 HOH 34 75 75 HOH HOH A . 
C 2 HOH 35 77 77 HOH HOH A . 
C 2 HOH 36 79 79 HOH HOH A . 
C 2 HOH 37 81 81 HOH HOH A . 
C 2 HOH 38 82 82 HOH HOH A . 
C 2 HOH 39 83 83 HOH HOH A . 
C 2 HOH 40 84 84 HOH HOH A . 
C 2 HOH 41 85 85 HOH HOH A . 
C 2 HOH 42 86 86 HOH HOH A . 
C 2 HOH 43 87 87 HOH HOH A . 
C 2 HOH 44 88 88 HOH HOH A . 
C 2 HOH 45 89 89 HOH HOH A . 
C 2 HOH 46 90 90 HOH HOH A . 
C 2 HOH 47 91 91 HOH HOH A . 
C 2 HOH 48 92 92 HOH HOH A . 
C 2 HOH 49 94 94 HOH HOH A . 
C 2 HOH 50 95 95 HOH HOH A . 
D 2 HOH 1  14 14 HOH HOH B . 
D 2 HOH 2  16 16 HOH HOH B . 
D 2 HOH 3  20 20 HOH HOH B . 
D 2 HOH 4  21 21 HOH HOH B . 
D 2 HOH 5  24 24 HOH HOH B . 
D 2 HOH 6  26 26 HOH HOH B . 
D 2 HOH 7  27 27 HOH HOH B . 
D 2 HOH 8  28 28 HOH HOH B . 
D 2 HOH 9  29 29 HOH HOH B . 
D 2 HOH 10 30 30 HOH HOH B . 
D 2 HOH 11 31 31 HOH HOH B . 
D 2 HOH 12 33 33 HOH HOH B . 
D 2 HOH 13 34 34 HOH HOH B . 
D 2 HOH 14 36 36 HOH HOH B . 
D 2 HOH 15 37 37 HOH HOH B . 
D 2 HOH 16 43 43 HOH HOH B . 
D 2 HOH 17 44 44 HOH HOH B . 
D 2 HOH 18 46 46 HOH HOH B . 
D 2 HOH 19 49 49 HOH HOH B . 
D 2 HOH 20 50 50 HOH HOH B . 
D 2 HOH 21 55 55 HOH HOH B . 
D 2 HOH 22 59 59 HOH HOH B . 
D 2 HOH 23 61 61 HOH HOH B . 
D 2 HOH 24 63 63 HOH HOH B . 
D 2 HOH 25 67 67 HOH HOH B . 
D 2 HOH 26 68 68 HOH HOH B . 
D 2 HOH 27 70 70 HOH HOH B . 
D 2 HOH 28 71 71 HOH HOH B . 
D 2 HOH 29 74 74 HOH HOH B . 
D 2 HOH 30 76 76 HOH HOH B . 
D 2 HOH 31 78 78 HOH HOH B . 
D 2 HOH 32 80 80 HOH HOH B . 
D 2 HOH 33 93 93 HOH HOH B . 
# 
_software.name             NUCLSQ 
_software.classification   refinement 
_software.version          . 
_software.citation_id      ? 
_software.pdbx_ordinal     1 
_software.date             ? 
_software.type             ? 
_software.location         ? 
_software.language         ? 
# 
_cell.entry_id           1DN5 
_cell.length_a           17.930 
_cell.length_b           30.830 
_cell.length_c           44.730 
_cell.angle_alpha        90.00 
_cell.angle_beta         90.00 
_cell.angle_gamma        90.00 
_cell.Z_PDB              8 
_cell.pdbx_unique_axis   ? 
# 
_symmetry.entry_id                         1DN5 
_symmetry.space_group_name_H-M             'P 21 21 21' 
_symmetry.pdbx_full_space_group_name_H-M   ? 
_symmetry.cell_setting                     ? 
_symmetry.Int_Tables_number                19 
# 
_exptl.entry_id          1DN5 
_exptl.method            'X-RAY DIFFRACTION' 
_exptl.crystals_number   ? 
# 
_exptl_crystal.id                    1 
_exptl_crystal.density_meas          ? 
_exptl_crystal.density_Matthews      1.51 
_exptl_crystal.density_percent_sol   18.54 
_exptl_crystal.description           ? 
_exptl_crystal.preparation           ? 
# 
_exptl_crystal_grow.crystal_id      1 
_exptl_crystal_grow.method          'VAPOR DIFFUSION' 
_exptl_crystal_grow.temp            291.15 
_exptl_crystal_grow.temp_details    ? 
_exptl_crystal_grow.pH              ? 
_exptl_crystal_grow.pdbx_details    'VAPOR DIFFUSION, temperature 310.00K' 
_exptl_crystal_grow.pdbx_pH_range   ? 
# 
loop_
_exptl_crystal_grow_comp.crystal_id 
_exptl_crystal_grow_comp.id 
_exptl_crystal_grow_comp.sol_id 
_exptl_crystal_grow_comp.name 
_exptl_crystal_grow_comp.volume 
_exptl_crystal_grow_comp.conc 
_exptl_crystal_grow_comp.details 
1 1 1 WATER           ? ? ? 
1 2 1 MPD             ? ? ? 
1 3 1 'NA CACODYLATE' ? ? ? 
1 4 1 NACL            ? ? ? 
1 5 2 WATER           ? ? ? 
1 6 2 MPD             ? ? ? 
# 
_diffrn.id                     1 
_diffrn.ambient_temp           310.00 
_diffrn.ambient_temp_details   ? 
_diffrn.crystal_id             1 
# 
_diffrn_detector.diffrn_id              1 
_diffrn_detector.detector               DIFFRACTOMETER 
_diffrn_detector.type                   'ENRAF-NONIUS CAD4' 
_diffrn_detector.pdbx_collection_date   ? 
_diffrn_detector.details                ? 
# 
_diffrn_radiation.diffrn_id                        1 
_diffrn_radiation.wavelength_id                    1 
_diffrn_radiation.pdbx_monochromatic_or_laue_m_l   ? 
_diffrn_radiation.monochromator                    ? 
_diffrn_radiation.pdbx_diffrn_protocol             ? 
_diffrn_radiation.pdbx_scattering_type             x-ray 
# 
_diffrn_radiation_wavelength.id           1 
_diffrn_radiation_wavelength.wavelength   . 
_diffrn_radiation_wavelength.wt           1.0 
# 
_diffrn_source.diffrn_id                   1 
_diffrn_source.source                      ? 
_diffrn_source.type                        ? 
_diffrn_source.pdbx_synchrotron_site       ? 
_diffrn_source.pdbx_synchrotron_beamline   ? 
_diffrn_source.pdbx_wavelength             ? 
_diffrn_source.pdbx_wavelength_list        ? 
# 
_reflns.entry_id                     1DN5 
_reflns.observed_criterion_sigma_I   ? 
_reflns.observed_criterion_sigma_F   2.000 
_reflns.d_resolution_low             10.000 
_reflns.d_resolution_high            1.400 
_reflns.number_obs                   3765 
_reflns.number_all                   5470 
_reflns.percent_possible_obs         ? 
_reflns.pdbx_Rmerge_I_obs            ? 
_reflns.pdbx_Rsym_value              ? 
_reflns.pdbx_netI_over_sigmaI        ? 
_reflns.B_iso_Wilson_estimate        ? 
_reflns.pdbx_redundancy              ? 
_reflns.pdbx_diffrn_id               1 
_reflns.pdbx_ordinal                 1 
# 
_refine.entry_id                                 1DN5 
_refine.ls_number_reflns_obs                     3765 
_refine.ls_number_reflns_all                     ? 
_refine.pdbx_ls_sigma_I                          ? 
_refine.pdbx_ls_sigma_F                          2.000 
_refine.pdbx_data_cutoff_high_absF               ? 
_refine.pdbx_data_cutoff_low_absF                ? 
_refine.pdbx_data_cutoff_high_rms_absF           ? 
_refine.ls_d_res_low                             10.000 
_refine.ls_d_res_high                            1.400 
_refine.ls_percent_reflns_obs                    ? 
_refine.ls_R_factor_obs                          0.1247 
_refine.ls_R_factor_all                          ? 
_refine.ls_R_factor_R_work                       ? 
_refine.ls_R_factor_R_free                       ? 
_refine.ls_R_factor_R_free_error                 ? 
_refine.ls_R_factor_R_free_error_details         ? 
_refine.ls_percent_reflns_R_free                 ? 
_refine.ls_number_reflns_R_free                  ? 
_refine.ls_number_parameters                     ? 
_refine.ls_number_restraints                     ? 
_refine.occupancy_min                            0.47 
_refine.occupancy_max                            1.00 
_refine.B_iso_mean                               ? 
_refine.aniso_B[1][1]                            ? 
_refine.aniso_B[2][2]                            ? 
_refine.aniso_B[3][3]                            ? 
_refine.aniso_B[1][2]                            ? 
_refine.aniso_B[1][3]                            ? 
_refine.aniso_B[2][3]                            ? 
_refine.solvent_model_details                    ? 
_refine.solvent_model_param_ksol                 ? 
_refine.solvent_model_param_bsol                 ? 
_refine.pdbx_ls_cross_valid_method               ? 
_refine.details                                  ? 
_refine.pdbx_starting_model                      ? 
_refine.pdbx_method_to_determine_struct          ? 
_refine.pdbx_isotropic_thermal_model             ? 
_refine.pdbx_stereochemistry_target_values       ? 
_refine.pdbx_stereochem_target_val_spec_case     ? 
_refine.pdbx_R_Free_selection_details            ? 
_refine.pdbx_overall_ESU_R                       ? 
_refine.pdbx_overall_ESU_R_Free                  ? 
_refine.overall_SU_ML                            ? 
_refine.overall_SU_B                             ? 
_refine.pdbx_refine_id                           'X-RAY DIFFRACTION' 
_refine.pdbx_diffrn_id                           1 
_refine.pdbx_TLS_residual_ADP_flag               ? 
_refine.correlation_coeff_Fo_to_Fc               ? 
_refine.correlation_coeff_Fo_to_Fc_free          ? 
_refine.pdbx_solvent_vdw_probe_radii             ? 
_refine.pdbx_solvent_ion_probe_radii             ? 
_refine.pdbx_solvent_shrinkage_radii             ? 
_refine.pdbx_overall_phase_error                 ? 
_refine.overall_SU_R_Cruickshank_DPI             ? 
_refine.pdbx_overall_SU_R_free_Cruickshank_DPI   ? 
_refine.pdbx_overall_SU_R_Blow_DPI               ? 
_refine.pdbx_overall_SU_R_free_Blow_DPI          ? 
# 
_refine_hist.pdbx_refine_id                   'X-RAY DIFFRACTION' 
_refine_hist.cycle_id                         LAST 
_refine_hist.pdbx_number_atoms_protein        0 
_refine_hist.pdbx_number_atoms_nucleic_acid   240 
_refine_hist.pdbx_number_atoms_ligand         6 
_refine_hist.number_atoms_solvent             83 
_refine_hist.number_atoms_total               329 
_refine_hist.d_res_high                       1.400 
_refine_hist.d_res_low                        10.000 
# 
_struct.entry_id                  1DN5 
_struct.title                     
'SOLVATION OF THE LEFT-HANDED HEXAMER D(5BRC-G-5BRC-G-5BRC-G) IN CRYSTALS GROWN AT TWO TEMPERATURES' 
_struct.pdbx_model_details        ? 
_struct.pdbx_CASP_flag            ? 
_struct.pdbx_model_type_details   ? 
# 
_struct_keywords.entry_id        1DN5 
_struct_keywords.pdbx_keywords   DNA 
_struct_keywords.text            'Z-DNA, DOUBLE HELIX, MODIFIED, DNA' 
# 
loop_
_struct_asym.id 
_struct_asym.pdbx_blank_PDB_chainid_flag 
_struct_asym.pdbx_modified 
_struct_asym.entity_id 
_struct_asym.details 
A N N 1 ? 
B N N 1 ? 
C N N 2 ? 
D N N 2 ? 
# 
_struct_ref.id                         1 
_struct_ref.entity_id                  1 
_struct_ref.db_name                    PDB 
_struct_ref.db_code                    1DN5 
_struct_ref.pdbx_db_accession          1DN5 
_struct_ref.pdbx_db_isoform            ? 
_struct_ref.pdbx_seq_one_letter_code   ? 
_struct_ref.pdbx_align_begin           ? 
# 
loop_
_struct_ref_seq.align_id 
_struct_ref_seq.ref_id 
_struct_ref_seq.pdbx_PDB_id_code 
_struct_ref_seq.pdbx_strand_id 
_struct_ref_seq.seq_align_beg 
_struct_ref_seq.pdbx_seq_align_beg_ins_code 
_struct_ref_seq.seq_align_end 
_struct_ref_seq.pdbx_seq_align_end_ins_code 
_struct_ref_seq.pdbx_db_accession 
_struct_ref_seq.db_align_beg 
_struct_ref_seq.pdbx_db_align_beg_ins_code 
_struct_ref_seq.db_align_end 
_struct_ref_seq.pdbx_db_align_end_ins_code 
_struct_ref_seq.pdbx_auth_seq_align_beg 
_struct_ref_seq.pdbx_auth_seq_align_end 
1 1 1DN5 A 1 ? 6 ? 1DN5 1 ? 6  ? 1 6  
2 1 1DN5 B 1 ? 6 ? 1DN5 7 ? 12 ? 7 12 
# 
_pdbx_struct_assembly.id                   1 
_pdbx_struct_assembly.details              author_defined_assembly 
_pdbx_struct_assembly.method_details       ? 
_pdbx_struct_assembly.oligomeric_details   dimeric 
_pdbx_struct_assembly.oligomeric_count     2 
# 
_pdbx_struct_assembly_gen.assembly_id       1 
_pdbx_struct_assembly_gen.oper_expression   1 
_pdbx_struct_assembly_gen.asym_id_list      A,B,C,D 
# 
_pdbx_struct_oper_list.id                   1 
_pdbx_struct_oper_list.type                 'identity operation' 
_pdbx_struct_oper_list.name                 1_555 
_pdbx_struct_oper_list.symmetry_operation   x,y,z 
_pdbx_struct_oper_list.matrix[1][1]         1.0000000000 
_pdbx_struct_oper_list.matrix[1][2]         0.0000000000 
_pdbx_struct_oper_list.matrix[1][3]         0.0000000000 
_pdbx_struct_oper_list.vector[1]            0.0000000000 
_pdbx_struct_oper_list.matrix[2][1]         0.0000000000 
_pdbx_struct_oper_list.matrix[2][2]         1.0000000000 
_pdbx_struct_oper_list.matrix[2][3]         0.0000000000 
_pdbx_struct_oper_list.vector[2]            0.0000000000 
_pdbx_struct_oper_list.matrix[3][1]         0.0000000000 
_pdbx_struct_oper_list.matrix[3][2]         0.0000000000 
_pdbx_struct_oper_list.matrix[3][3]         1.0000000000 
_pdbx_struct_oper_list.vector[3]            0.0000000000 
# 
loop_
_struct_conn.id 
_struct_conn.conn_type_id 
_struct_conn.pdbx_leaving_atom_flag 
_struct_conn.pdbx_PDB_id 
_struct_conn.ptnr1_label_asym_id 
_struct_conn.ptnr1_label_comp_id 
_struct_conn.ptnr1_label_seq_id 
_struct_conn.ptnr1_label_atom_id 
_struct_conn.pdbx_ptnr1_label_alt_id 
_struct_conn.pdbx_ptnr1_PDB_ins_code 
_struct_conn.pdbx_ptnr1_standard_comp_id 
_struct_conn.ptnr1_symmetry 
_struct_conn.ptnr2_label_asym_id 
_struct_conn.ptnr2_label_comp_id 
_struct_conn.ptnr2_label_seq_id 
_struct_conn.ptnr2_label_atom_id 
_struct_conn.pdbx_ptnr2_label_alt_id 
_struct_conn.pdbx_ptnr2_PDB_ins_code 
_struct_conn.ptnr1_auth_asym_id 
_struct_conn.ptnr1_auth_comp_id 
_struct_conn.ptnr1_auth_seq_id 
_struct_conn.ptnr2_auth_asym_id 
_struct_conn.ptnr2_auth_comp_id 
_struct_conn.ptnr2_auth_seq_id 
_struct_conn.ptnr2_symmetry 
_struct_conn.pdbx_ptnr3_label_atom_id 
_struct_conn.pdbx_ptnr3_label_seq_id 
_struct_conn.pdbx_ptnr3_label_comp_id 
_struct_conn.pdbx_ptnr3_label_asym_id 
_struct_conn.pdbx_ptnr3_label_alt_id 
_struct_conn.pdbx_ptnr3_PDB_ins_code 
_struct_conn.details 
_struct_conn.pdbx_dist_value 
_struct_conn.pdbx_value_order 
_struct_conn.pdbx_role 
covale1  covale both ? A CBR 1 "O3'" ? ? ? 1_555 A DG  2 P  ? ? A CBR 1  A DG  2  1_555 ? ? ? ? ? ? ?            1.710 ? ? 
covale2  covale both ? A DG  2 "O3'" ? ? ? 1_555 A CBR 3 P  ? ? A DG  2  A CBR 3  1_555 ? ? ? ? ? ? ?            1.666 ? ? 
covale3  covale both ? A CBR 3 "O3'" ? ? ? 1_555 A DG  4 P  ? ? A CBR 3  A DG  4  1_555 ? ? ? ? ? ? ?            1.654 ? ? 
covale4  covale both ? A DG  4 "O3'" ? ? ? 1_555 A CBR 5 P  ? ? A DG  4  A CBR 5  1_555 ? ? ? ? ? ? ?            1.588 ? ? 
covale5  covale both ? A CBR 5 "O3'" ? ? ? 1_555 A DG  6 P  ? ? A CBR 5  A DG  6  1_555 ? ? ? ? ? ? ?            1.584 ? ? 
covale6  covale both ? B CBR 1 "O3'" ? ? ? 1_555 B DG  2 P  ? ? B CBR 7  B DG  8  1_555 ? ? ? ? ? ? ?            1.615 ? ? 
covale7  covale both ? B DG  2 "O3'" ? ? ? 1_555 B CBR 3 P  ? ? B DG  8  B CBR 9  1_555 ? ? ? ? ? ? ?            1.591 ? ? 
covale8  covale both ? B CBR 3 "O3'" ? ? ? 1_555 B DG  4 P  ? ? B CBR 9  B DG  10 1_555 ? ? ? ? ? ? ?            1.563 ? ? 
covale9  covale both ? B DG  4 "O3'" ? ? ? 1_555 B CBR 5 P  ? ? B DG  10 B CBR 11 1_555 ? ? ? ? ? ? ?            1.478 ? ? 
covale10 covale both ? B CBR 5 "O3'" ? ? ? 1_555 B DG  6 P  ? ? B CBR 11 B DG  12 1_555 ? ? ? ? ? ? ?            1.690 ? ? 
hydrog1  hydrog ?    ? A CBR 1 N3    ? ? ? 1_555 B DG  6 N1 ? ? A CBR 1  B DG  12 1_555 ? ? ? ? ? ? WATSON-CRICK ?     ? ? 
hydrog2  hydrog ?    ? A CBR 1 N4    ? ? ? 1_555 B DG  6 O6 ? ? A CBR 1  B DG  12 1_555 ? ? ? ? ? ? WATSON-CRICK ?     ? ? 
hydrog3  hydrog ?    ? A CBR 1 O2    ? ? ? 1_555 B DG  6 N2 ? ? A CBR 1  B DG  12 1_555 ? ? ? ? ? ? WATSON-CRICK ?     ? ? 
hydrog4  hydrog ?    ? A DG  2 N1    ? ? ? 1_555 B CBR 5 N3 ? ? A DG  2  B CBR 11 1_555 ? ? ? ? ? ? WATSON-CRICK ?     ? ? 
hydrog5  hydrog ?    ? A DG  2 N2    ? ? ? 1_555 B CBR 5 O2 ? ? A DG  2  B CBR 11 1_555 ? ? ? ? ? ? WATSON-CRICK ?     ? ? 
hydrog6  hydrog ?    ? A DG  2 O6    ? ? ? 1_555 B CBR 5 N4 ? ? A DG  2  B CBR 11 1_555 ? ? ? ? ? ? WATSON-CRICK ?     ? ? 
hydrog7  hydrog ?    ? A CBR 3 N3    ? ? ? 1_555 B DG  4 N1 ? ? A CBR 3  B DG  10 1_555 ? ? ? ? ? ? WATSON-CRICK ?     ? ? 
hydrog8  hydrog ?    ? A CBR 3 N4    ? ? ? 1_555 B DG  4 O6 ? ? A CBR 3  B DG  10 1_555 ? ? ? ? ? ? WATSON-CRICK ?     ? ? 
hydrog9  hydrog ?    ? A CBR 3 O2    ? ? ? 1_555 B DG  4 N2 ? ? A CBR 3  B DG  10 1_555 ? ? ? ? ? ? WATSON-CRICK ?     ? ? 
hydrog10 hydrog ?    ? A DG  4 N1    ? ? ? 1_555 B CBR 3 N3 ? ? A DG  4  B CBR 9  1_555 ? ? ? ? ? ? WATSON-CRICK ?     ? ? 
hydrog11 hydrog ?    ? A DG  4 N2    ? ? ? 1_555 B CBR 3 O2 ? ? A DG  4  B CBR 9  1_555 ? ? ? ? ? ? WATSON-CRICK ?     ? ? 
hydrog12 hydrog ?    ? A DG  4 O6    ? ? ? 1_555 B CBR 3 N4 ? ? A DG  4  B CBR 9  1_555 ? ? ? ? ? ? WATSON-CRICK ?     ? ? 
hydrog13 hydrog ?    ? A CBR 5 N3    ? ? ? 1_555 B DG  2 N1 ? ? A CBR 5  B DG  8  1_555 ? ? ? ? ? ? WATSON-CRICK ?     ? ? 
hydrog14 hydrog ?    ? A CBR 5 N4    ? ? ? 1_555 B DG  2 O6 ? ? A CBR 5  B DG  8  1_555 ? ? ? ? ? ? WATSON-CRICK ?     ? ? 
hydrog15 hydrog ?    ? A CBR 5 O2    ? ? ? 1_555 B DG  2 N2 ? ? A CBR 5  B DG  8  1_555 ? ? ? ? ? ? WATSON-CRICK ?     ? ? 
hydrog16 hydrog ?    ? A DG  6 N1    ? ? ? 1_555 B CBR 1 N3 ? ? A DG  6  B CBR 7  1_555 ? ? ? ? ? ? WATSON-CRICK ?     ? ? 
hydrog17 hydrog ?    ? A DG  6 N2    ? ? ? 1_555 B CBR 1 O2 ? ? A DG  6  B CBR 7  1_555 ? ? ? ? ? ? WATSON-CRICK ?     ? ? 
hydrog18 hydrog ?    ? A DG  6 O6    ? ? ? 1_555 B CBR 1 N4 ? ? A DG  6  B CBR 7  1_555 ? ? ? ? ? ? WATSON-CRICK ?     ? ? 
# 
loop_
_struct_conn_type.id 
_struct_conn_type.criteria 
_struct_conn_type.reference 
covale ? ? 
hydrog ? ? 
# 
loop_
_pdbx_validate_rmsd_bond.id 
_pdbx_validate_rmsd_bond.PDB_model_num 
_pdbx_validate_rmsd_bond.auth_atom_id_1 
_pdbx_validate_rmsd_bond.auth_asym_id_1 
_pdbx_validate_rmsd_bond.auth_comp_id_1 
_pdbx_validate_rmsd_bond.auth_seq_id_1 
_pdbx_validate_rmsd_bond.PDB_ins_code_1 
_pdbx_validate_rmsd_bond.label_alt_id_1 
_pdbx_validate_rmsd_bond.auth_atom_id_2 
_pdbx_validate_rmsd_bond.auth_asym_id_2 
_pdbx_validate_rmsd_bond.auth_comp_id_2 
_pdbx_validate_rmsd_bond.auth_seq_id_2 
_pdbx_validate_rmsd_bond.PDB_ins_code_2 
_pdbx_validate_rmsd_bond.label_alt_id_2 
_pdbx_validate_rmsd_bond.bond_value 
_pdbx_validate_rmsd_bond.bond_target_value 
_pdbx_validate_rmsd_bond.bond_deviation 
_pdbx_validate_rmsd_bond.bond_standard_deviation 
_pdbx_validate_rmsd_bond.linker_flag 
1  1 "O3'" A CBR 1  ? ? P     A DG  2  ? ? 1.710 1.607 0.103  0.012 Y 
2  1 C5    A DG  2  ? ? N7    A DG  2  ? ? 1.426 1.388 0.038  0.006 N 
3  1 "O4'" A DG  4  ? ? "C4'" A DG  4  ? ? 1.359 1.446 -0.087 0.010 N 
4  1 C2    A DG  4  ? ? N3    A DG  4  ? ? 1.385 1.323 0.062  0.008 N 
5  1 C6    A DG  4  ? ? N1    A DG  4  ? ? 1.345 1.391 -0.046 0.007 N 
6  1 P     A DG  6  ? ? "O5'" A DG  6  ? ? 1.674 1.593 0.081  0.010 N 
7  1 C4    A DG  6  ? ? C5    A DG  6  ? ? 1.331 1.379 -0.048 0.007 N 
8  1 C5    A DG  6  ? ? N7    A DG  6  ? ? 1.463 1.388 0.075  0.006 N 
9  1 P     B DG  8  ? ? OP2   B DG  8  ? ? 1.373 1.485 -0.112 0.017 N 
10 1 "O4'" B DG  8  ? ? "C4'" B DG  8  ? ? 1.364 1.446 -0.082 0.010 N 
11 1 C2    B DG  8  ? ? N3    B DG  8  ? ? 1.379 1.323 0.056  0.008 N 
12 1 C8    B DG  8  ? ? N9    B DG  8  ? ? 1.329 1.374 -0.045 0.007 N 
13 1 P     B DG  10 ? ? "O5'" B DG  10 ? ? 1.653 1.593 0.060  0.010 N 
14 1 "C3'" B DG  10 ? ? "C2'" B DG  10 ? ? 1.467 1.516 -0.049 0.008 N 
15 1 "O4'" B DG  10 ? ? "C4'" B DG  10 ? ? 1.380 1.446 -0.066 0.010 N 
16 1 C5    B DG  10 ? ? N7    B DG  10 ? ? 1.428 1.388 0.040  0.006 N 
17 1 N7    B DG  10 ? ? C8    B DG  10 ? ? 1.250 1.305 -0.055 0.006 N 
18 1 N9    B DG  10 ? ? C4    B DG  10 ? ? 1.450 1.375 0.075  0.008 N 
19 1 "O3'" B DG  10 ? ? P     B CBR 11 ? ? 1.478 1.607 -0.129 0.012 Y 
20 1 "O3'" B CBR 11 ? ? P     B DG  12 ? ? 1.690 1.607 0.083  0.012 Y 
# 
loop_
_pdbx_validate_rmsd_angle.id 
_pdbx_validate_rmsd_angle.PDB_model_num 
_pdbx_validate_rmsd_angle.auth_atom_id_1 
_pdbx_validate_rmsd_angle.auth_asym_id_1 
_pdbx_validate_rmsd_angle.auth_comp_id_1 
_pdbx_validate_rmsd_angle.auth_seq_id_1 
_pdbx_validate_rmsd_angle.PDB_ins_code_1 
_pdbx_validate_rmsd_angle.label_alt_id_1 
_pdbx_validate_rmsd_angle.auth_atom_id_2 
_pdbx_validate_rmsd_angle.auth_asym_id_2 
_pdbx_validate_rmsd_angle.auth_comp_id_2 
_pdbx_validate_rmsd_angle.auth_seq_id_2 
_pdbx_validate_rmsd_angle.PDB_ins_code_2 
_pdbx_validate_rmsd_angle.label_alt_id_2 
_pdbx_validate_rmsd_angle.auth_atom_id_3 
_pdbx_validate_rmsd_angle.auth_asym_id_3 
_pdbx_validate_rmsd_angle.auth_comp_id_3 
_pdbx_validate_rmsd_angle.auth_seq_id_3 
_pdbx_validate_rmsd_angle.PDB_ins_code_3 
_pdbx_validate_rmsd_angle.label_alt_id_3 
_pdbx_validate_rmsd_angle.angle_value 
_pdbx_validate_rmsd_angle.angle_target_value 
_pdbx_validate_rmsd_angle.angle_deviation 
_pdbx_validate_rmsd_angle.angle_standard_deviation 
_pdbx_validate_rmsd_angle.linker_flag 
1  1 "O5'" A DG 2  ? ? P     A DG 2  ? ? OP1   A DG  2  ? ? 99.92  105.70 -5.78 0.90 N 
2  1 C6    A DG 2  ? ? N1    A DG 2  ? ? C2    A DG  2  ? ? 121.01 125.10 -4.09 0.60 N 
3  1 C5    A DG 2  ? ? C6    A DG 2  ? ? N1    A DG  2  ? ? 116.41 111.50 4.91  0.50 N 
4  1 OP1   A DG 4  ? ? P     A DG 4  ? ? OP2   A DG  4  ? ? 130.82 119.60 11.22 1.50 N 
5  1 "O4'" A DG 4  ? ? "C1'" A DG 4  ? ? "C2'" A DG  4  ? ? 109.97 106.80 3.17  0.50 N 
6  1 "O4'" A DG 4  ? ? "C1'" A DG 4  ? ? N9    A DG  4  ? ? 103.34 108.00 -4.66 0.70 N 
7  1 N1    A DG 4  ? ? C2    A DG 4  ? ? N3    A DG  4  ? ? 120.06 123.90 -3.84 0.60 N 
8  1 C5    A DG 4  ? ? C6    A DG 4  ? ? N1    A DG  4  ? ? 115.36 111.50 3.86  0.50 N 
9  1 C8    A DG 4  ? ? N9    A DG 4  ? ? "C1'" A DG  4  ? ? 118.82 127.00 -8.18 1.30 N 
10 1 OP1   A DG 6  ? ? P     A DG 6  ? ? OP2   A DG  6  ? ? 130.88 119.60 11.28 1.50 N 
11 1 "O5'" A DG 6  ? ? P     A DG 6  ? ? OP2   A DG  6  ? ? 99.19  105.70 -6.51 0.90 N 
12 1 C6    A DG 6  ? ? N1    A DG 6  ? ? C2    A DG  6  ? ? 120.48 125.10 -4.62 0.60 N 
13 1 N1    A DG 6  ? ? C2    A DG 6  ? ? N3    A DG  6  ? ? 127.58 123.90 3.68  0.60 N 
14 1 C5    A DG 6  ? ? N7    A DG 6  ? ? C8    A DG  6  ? ? 101.28 104.30 -3.02 0.50 N 
15 1 "O5'" B DG 8  ? ? P     B DG 8  ? ? OP2   B DG  8  ? ? 121.41 110.70 10.71 1.20 N 
16 1 OP1   B DG 10 ? ? P     B DG 10 ? ? OP2   B DG  10 ? ? 131.31 119.60 11.71 1.50 N 
17 1 "O5'" B DG 10 ? ? P     B DG 10 ? ? OP2   B DG  10 ? ? 99.50  105.70 -6.20 0.90 N 
18 1 "O5'" B DG 10 ? ? "C5'" B DG 10 ? ? "C4'" B DG  10 ? ? 104.48 109.40 -4.92 0.80 N 
19 1 N1    B DG 10 ? ? C2    B DG 10 ? ? N3    B DG  10 ? ? 128.09 123.90 4.19  0.60 N 
20 1 C2    B DG 10 ? ? N3    B DG 10 ? ? C4    B DG  10 ? ? 106.33 111.90 -5.57 0.50 N 
21 1 N7    B DG 10 ? ? C8    B DG 10 ? ? N9    B DG  10 ? ? 116.24 113.10 3.14  0.50 N 
22 1 N9    B DG 10 ? ? C4    B DG 10 ? ? C5    B DG  10 ? ? 102.69 105.40 -2.71 0.40 N 
23 1 "C3'" B DG 10 ? ? "O3'" B DG 10 ? ? P     B CBR 11 ? ? 130.15 119.70 10.45 1.20 Y 
24 1 OP1   B DG 12 ? ? P     B DG 12 ? ? OP2   B DG  12 ? ? 130.83 119.60 11.23 1.50 N 
25 1 "O5'" B DG 12 ? ? "C5'" B DG 12 ? ? "C4'" B DG  12 ? ? 100.85 109.40 -8.55 0.80 N 
26 1 N1    B DG 12 ? ? C2    B DG 12 ? ? N2    B DG  12 ? ? 122.32 116.20 6.12  0.90 N 
27 1 N3    B DG 12 ? ? C2    B DG 12 ? ? N2    B DG  12 ? ? 115.62 119.90 -4.28 0.70 N 
# 
loop_
_pdbx_struct_mod_residue.id 
_pdbx_struct_mod_residue.label_asym_id 
_pdbx_struct_mod_residue.label_comp_id 
_pdbx_struct_mod_residue.label_seq_id 
_pdbx_struct_mod_residue.auth_asym_id 
_pdbx_struct_mod_residue.auth_comp_id 
_pdbx_struct_mod_residue.auth_seq_id 
_pdbx_struct_mod_residue.PDB_ins_code 
_pdbx_struct_mod_residue.parent_comp_id 
_pdbx_struct_mod_residue.details 
1 A CBR 1 A CBR 1  ? DC ? 
2 A CBR 3 A CBR 3  ? DC ? 
3 A CBR 5 A CBR 5  ? DC ? 
4 B CBR 1 B CBR 7  ? DC ? 
5 B CBR 3 B CBR 9  ? DC ? 
6 B CBR 5 B CBR 11 ? DC ? 
# 
loop_
_refine_B_iso.class 
_refine_B_iso.details 
_refine_B_iso.treatment 
_refine_B_iso.pdbx_refine_id 
'ALL ATOMS'  TR isotropic 'X-RAY DIFFRACTION' 
'ALL WATERS' TR isotropic 'X-RAY DIFFRACTION' 
# 
loop_
_refine_occupancy.class 
_refine_occupancy.treatment 
_refine_occupancy.pdbx_refine_id 
'ALL ATOMS'  fix 'X-RAY DIFFRACTION' 
'ALL WATERS' ref 'X-RAY DIFFRACTION' 
# 
loop_
_chem_comp_atom.comp_id 
_chem_comp_atom.atom_id 
_chem_comp_atom.type_symbol 
_chem_comp_atom.pdbx_aromatic_flag 
_chem_comp_atom.pdbx_stereo_config 
_chem_comp_atom.pdbx_ordinal 
CBR BR     BR N N 1  
CBR P      P  N N 2  
CBR OP1    O  N N 3  
CBR OP2    O  N N 4  
CBR "O5'"  O  N N 5  
CBR N1     N  N N 6  
CBR C6     C  N N 7  
CBR C2     C  N N 8  
CBR O2     O  N N 9  
CBR N3     N  N N 10 
CBR C4     C  N N 11 
CBR N4     N  N N 12 
CBR C5     C  N N 13 
CBR "C2'"  C  N N 14 
CBR "C5'"  C  N N 15 
CBR "C4'"  C  N R 16 
CBR "O4'"  O  N N 17 
CBR "C1'"  C  N R 18 
CBR "C3'"  C  N S 19 
CBR "O3'"  O  N N 20 
CBR OP3    O  N N 21 
CBR HOP2   H  N N 22 
CBR H6     H  N N 23 
CBR H41    H  N N 24 
CBR H42    H  N N 25 
CBR "H2'"  H  N N 26 
CBR "H2''" H  N N 27 
CBR "H5'"  H  N N 28 
CBR "H5''" H  N N 29 
CBR "H4'"  H  N N 30 
CBR "H1'"  H  N N 31 
CBR "H3'"  H  N N 32 
CBR "HO3'" H  N N 33 
CBR HOP3   H  N N 34 
DG  OP3    O  N N 35 
DG  P      P  N N 36 
DG  OP1    O  N N 37 
DG  OP2    O  N N 38 
DG  "O5'"  O  N N 39 
DG  "C5'"  C  N N 40 
DG  "C4'"  C  N R 41 
DG  "O4'"  O  N N 42 
DG  "C3'"  C  N S 43 
DG  "O3'"  O  N N 44 
DG  "C2'"  C  N N 45 
DG  "C1'"  C  N R 46 
DG  N9     N  Y N 47 
DG  C8     C  Y N 48 
DG  N7     N  Y N 49 
DG  C5     C  Y N 50 
DG  C6     C  N N 51 
DG  O6     O  N N 52 
DG  N1     N  N N 53 
DG  C2     C  N N 54 
DG  N2     N  N N 55 
DG  N3     N  N N 56 
DG  C4     C  Y N 57 
DG  HOP3   H  N N 58 
DG  HOP2   H  N N 59 
DG  "H5'"  H  N N 60 
DG  "H5''" H  N N 61 
DG  "H4'"  H  N N 62 
DG  "H3'"  H  N N 63 
DG  "HO3'" H  N N 64 
DG  "H2'"  H  N N 65 
DG  "H2''" H  N N 66 
DG  "H1'"  H  N N 67 
DG  H8     H  N N 68 
DG  H1     H  N N 69 
DG  H21    H  N N 70 
DG  H22    H  N N 71 
HOH O      O  N N 72 
HOH H1     H  N N 73 
HOH H2     H  N N 74 
# 
loop_
_chem_comp_bond.comp_id 
_chem_comp_bond.atom_id_1 
_chem_comp_bond.atom_id_2 
_chem_comp_bond.value_order 
_chem_comp_bond.pdbx_aromatic_flag 
_chem_comp_bond.pdbx_stereo_config 
_chem_comp_bond.pdbx_ordinal 
CBR BR    C5     sing N N 1  
CBR P     OP1    doub N N 2  
CBR P     OP2    sing N N 3  
CBR P     "O5'"  sing N N 4  
CBR P     OP3    sing N N 5  
CBR OP2   HOP2   sing N N 6  
CBR "O5'" "C5'"  sing N N 7  
CBR N1    C6     sing N N 8  
CBR N1    C2     sing N N 9  
CBR N1    "C1'"  sing N N 10 
CBR C6    C5     doub N N 11 
CBR C6    H6     sing N N 12 
CBR C2    O2     doub N N 13 
CBR C2    N3     sing N N 14 
CBR N3    C4     doub N N 15 
CBR C4    N4     sing N N 16 
CBR C4    C5     sing N N 17 
CBR N4    H41    sing N N 18 
CBR N4    H42    sing N N 19 
CBR "C2'" "C1'"  sing N N 20 
CBR "C2'" "C3'"  sing N N 21 
CBR "C2'" "H2'"  sing N N 22 
CBR "C2'" "H2''" sing N N 23 
CBR "C5'" "C4'"  sing N N 24 
CBR "C5'" "H5'"  sing N N 25 
CBR "C5'" "H5''" sing N N 26 
CBR "C4'" "O4'"  sing N N 27 
CBR "C4'" "C3'"  sing N N 28 
CBR "C4'" "H4'"  sing N N 29 
CBR "O4'" "C1'"  sing N N 30 
CBR "C1'" "H1'"  sing N N 31 
CBR "C3'" "O3'"  sing N N 32 
CBR "C3'" "H3'"  sing N N 33 
CBR "O3'" "HO3'" sing N N 34 
CBR OP3   HOP3   sing N N 35 
DG  OP3   P      sing N N 36 
DG  OP3   HOP3   sing N N 37 
DG  P     OP1    doub N N 38 
DG  P     OP2    sing N N 39 
DG  P     "O5'"  sing N N 40 
DG  OP2   HOP2   sing N N 41 
DG  "O5'" "C5'"  sing N N 42 
DG  "C5'" "C4'"  sing N N 43 
DG  "C5'" "H5'"  sing N N 44 
DG  "C5'" "H5''" sing N N 45 
DG  "C4'" "O4'"  sing N N 46 
DG  "C4'" "C3'"  sing N N 47 
DG  "C4'" "H4'"  sing N N 48 
DG  "O4'" "C1'"  sing N N 49 
DG  "C3'" "O3'"  sing N N 50 
DG  "C3'" "C2'"  sing N N 51 
DG  "C3'" "H3'"  sing N N 52 
DG  "O3'" "HO3'" sing N N 53 
DG  "C2'" "C1'"  sing N N 54 
DG  "C2'" "H2'"  sing N N 55 
DG  "C2'" "H2''" sing N N 56 
DG  "C1'" N9     sing N N 57 
DG  "C1'" "H1'"  sing N N 58 
DG  N9    C8     sing Y N 59 
DG  N9    C4     sing Y N 60 
DG  C8    N7     doub Y N 61 
DG  C8    H8     sing N N 62 
DG  N7    C5     sing Y N 63 
DG  C5    C6     sing N N 64 
DG  C5    C4     doub Y N 65 
DG  C6    O6     doub N N 66 
DG  C6    N1     sing N N 67 
DG  N1    C2     sing N N 68 
DG  N1    H1     sing N N 69 
DG  C2    N2     sing N N 70 
DG  C2    N3     doub N N 71 
DG  N2    H21    sing N N 72 
DG  N2    H22    sing N N 73 
DG  N3    C4     sing N N 74 
HOH O     H1     sing N N 75 
HOH O     H2     sing N N 76 
# 
_ndb_struct_conf_na.entry_id   1DN5 
_ndb_struct_conf_na.feature    'z-form double helix' 
# 
loop_
_ndb_struct_na_base_pair.model_number 
_ndb_struct_na_base_pair.i_label_asym_id 
_ndb_struct_na_base_pair.i_label_comp_id 
_ndb_struct_na_base_pair.i_label_seq_id 
_ndb_struct_na_base_pair.i_symmetry 
_ndb_struct_na_base_pair.j_label_asym_id 
_ndb_struct_na_base_pair.j_label_comp_id 
_ndb_struct_na_base_pair.j_label_seq_id 
_ndb_struct_na_base_pair.j_symmetry 
_ndb_struct_na_base_pair.shear 
_ndb_struct_na_base_pair.stretch 
_ndb_struct_na_base_pair.stagger 
_ndb_struct_na_base_pair.buckle 
_ndb_struct_na_base_pair.propeller 
_ndb_struct_na_base_pair.opening 
_ndb_struct_na_base_pair.pair_number 
_ndb_struct_na_base_pair.pair_name 
_ndb_struct_na_base_pair.i_auth_asym_id 
_ndb_struct_na_base_pair.i_auth_seq_id 
_ndb_struct_na_base_pair.i_PDB_ins_code 
_ndb_struct_na_base_pair.j_auth_asym_id 
_ndb_struct_na_base_pair.j_auth_seq_id 
_ndb_struct_na_base_pair.j_PDB_ins_code 
_ndb_struct_na_base_pair.hbond_type_28 
_ndb_struct_na_base_pair.hbond_type_12 
1 A CBR 1 1_555 B DG  6 1_555 -0.319 -0.051 -0.027 9.176  -0.754 -1.751 1 A_CBR1:DG12_B A 1 ? B 12 ? 19 1 
1 A DG  2 1_555 B CBR 5 1_555 0.313  -0.233 0.141  -5.689 0.059  4.124  2 A_DG2:CBR11_B A 2 ? B 11 ? 19 1 
1 A CBR 3 1_555 B DG  4 1_555 -0.449 -0.150 -0.136 4.494  -5.463 1.844  3 A_CBR3:DG10_B A 3 ? B 10 ? 19 1 
1 A DG  4 1_555 B CBR 3 1_555 0.306  -0.168 0.045  -5.380 -3.265 -0.286 4 A_DG4:CBR9_B  A 4 ? B 9  ? 19 1 
1 A CBR 5 1_555 B DG  2 1_555 -0.363 -0.138 -0.006 6.967  -1.518 1.357  5 A_CBR5:DG8_B  A 5 ? B 8  ? 19 1 
1 A DG  6 1_555 B CBR 1 1_555 0.211  -0.114 0.060  -3.357 -0.705 1.499  6 A_DG6:CBR7_B  A 6 ? B 7  ? 19 1 
# 
loop_
_ndb_struct_na_base_pair_step.model_number 
_ndb_struct_na_base_pair_step.i_label_asym_id_1 
_ndb_struct_na_base_pair_step.i_label_comp_id_1 
_ndb_struct_na_base_pair_step.i_label_seq_id_1 
_ndb_struct_na_base_pair_step.i_symmetry_1 
_ndb_struct_na_base_pair_step.j_label_asym_id_1 
_ndb_struct_na_base_pair_step.j_label_comp_id_1 
_ndb_struct_na_base_pair_step.j_label_seq_id_1 
_ndb_struct_na_base_pair_step.j_symmetry_1 
_ndb_struct_na_base_pair_step.i_label_asym_id_2 
_ndb_struct_na_base_pair_step.i_label_comp_id_2 
_ndb_struct_na_base_pair_step.i_label_seq_id_2 
_ndb_struct_na_base_pair_step.i_symmetry_2 
_ndb_struct_na_base_pair_step.j_label_asym_id_2 
_ndb_struct_na_base_pair_step.j_label_comp_id_2 
_ndb_struct_na_base_pair_step.j_label_seq_id_2 
_ndb_struct_na_base_pair_step.j_symmetry_2 
_ndb_struct_na_base_pair_step.shift 
_ndb_struct_na_base_pair_step.slide 
_ndb_struct_na_base_pair_step.rise 
_ndb_struct_na_base_pair_step.tilt 
_ndb_struct_na_base_pair_step.roll 
_ndb_struct_na_base_pair_step.twist 
_ndb_struct_na_base_pair_step.x_displacement 
_ndb_struct_na_base_pair_step.y_displacement 
_ndb_struct_na_base_pair_step.helical_rise 
_ndb_struct_na_base_pair_step.inclination 
_ndb_struct_na_base_pair_step.tip 
_ndb_struct_na_base_pair_step.helical_twist 
_ndb_struct_na_base_pair_step.step_number 
_ndb_struct_na_base_pair_step.step_name 
_ndb_struct_na_base_pair_step.i_auth_asym_id_1 
_ndb_struct_na_base_pair_step.i_auth_seq_id_1 
_ndb_struct_na_base_pair_step.i_PDB_ins_code_1 
_ndb_struct_na_base_pair_step.j_auth_asym_id_1 
_ndb_struct_na_base_pair_step.j_auth_seq_id_1 
_ndb_struct_na_base_pair_step.j_PDB_ins_code_1 
_ndb_struct_na_base_pair_step.i_auth_asym_id_2 
_ndb_struct_na_base_pair_step.i_auth_seq_id_2 
_ndb_struct_na_base_pair_step.i_PDB_ins_code_2 
_ndb_struct_na_base_pair_step.j_auth_asym_id_2 
_ndb_struct_na_base_pair_step.j_auth_seq_id_2 
_ndb_struct_na_base_pair_step.j_PDB_ins_code_2 
1 A CBR 1 1_555 B DG  6 1_555 A DG  2 1_555 B CBR 5 1_555 0.207  5.904  3.942 -0.519 1.946  -10.125 -36.353 0.208  2.766 -10.888 
-2.902  -10.323 1 AA_CBR1DG2:CBR11DG12_BB A 1 ? B 12 ? A 2 ? B 11 ? 
1 A DG  2 1_555 B CBR 5 1_555 A CBR 3 1_555 B DG  4 1_555 -0.061 -0.994 3.320 1.433  -3.853 -49.987 1.452   0.031  3.241 4.551   
1.692   -50.145 2 AA_DG2CBR3:DG10CBR11_BB A 2 ? B 11 ? A 3 ? B 10 ? 
1 A CBR 3 1_555 B DG  4 1_555 A DG  4 1_555 B CBR 3 1_555 -0.165 5.379  3.683 -1.673 -4.605 -7.305  -17.338 -7.520 5.842 31.847  
-11.571 -8.794  3 AA_CBR3DG4:CBR9DG10_BB  A 3 ? B 10 ? A 4 ? B 9  ? 
1 A DG  4 1_555 B CBR 3 1_555 A CBR 5 1_555 B DG  2 1_555 -0.156 -1.265 3.242 0.823  -4.583 -49.181 1.847   -0.128 3.122 5.492   
0.987   -49.387 4 AA_DG4CBR5:DG8CBR9_BB   A 4 ? B 9  ? A 5 ? B 8  ? 
1 A CBR 5 1_555 B DG  2 1_555 A DG  6 1_555 B CBR 1 1_555 0.190  5.644  3.827 0.124  0.098  -12.011 -27.122 1.092  3.779 -0.470  
0.591   -12.012 5 AA_CBR5DG6:CBR7DG8_BB   A 5 ? B 8  ? A 6 ? B 7  ? 
# 
_atom_sites.entry_id                    1DN5 
_atom_sites.fract_transf_matrix[1][1]   0.04288133 
_atom_sites.fract_transf_matrix[1][2]   -0.03148095 
_atom_sites.fract_transf_matrix[1][3]   -0.01675284 
_atom_sites.fract_transf_matrix[2][1]   -0.02034298 
_atom_sites.fract_transf_matrix[2][2]   -0.01862797 
_atom_sites.fract_transf_matrix[2][3]   -0.01706622 
_atom_sites.fract_transf_matrix[3][1]   0.00278291 
_atom_sites.fract_transf_matrix[3][2]   0.01325557 
_atom_sites.fract_transf_matrix[3][3]   -0.01778583 
_atom_sites.fract_transf_vector[1]      0.726733 
_atom_sites.fract_transf_vector[2]      0.506597 
_atom_sites.fract_transf_vector[3]      0.124741 
# 
loop_
_atom_type.symbol 
BR 
C  
N  
O  
P  
# 
loop_
_atom_site.group_PDB 
_atom_site.id 
_atom_site.type_symbol 
_atom_site.label_atom_id 
_atom_site.label_alt_id 
_atom_site.label_comp_id 
_atom_site.label_asym_id 
_atom_site.label_entity_id 
_atom_site.label_seq_id 
_atom_site.pdbx_PDB_ins_code 
_atom_site.Cartn_x 
_atom_site.Cartn_y 
_atom_site.Cartn_z 
_atom_site.occupancy 
_atom_site.B_iso_or_equiv 
_atom_site.pdbx_formal_charge 
_atom_site.auth_seq_id 
_atom_site.auth_comp_id 
_atom_site.auth_asym_id 
_atom_site.auth_atom_id 
_atom_site.pdbx_PDB_model_num 
HETATM 1   BR BR    . CBR A 1 1 ? 1.465   -0.034  11.018  1.00 10.64 ? 1  CBR A BR    1 
HETATM 2   O  "O5'" . CBR A 1 1 ? -3.818  -0.872  10.736  1.00 10.45 ? 1  CBR A "O5'" 1 
HETATM 3   N  N1    . CBR A 1 1 ? -0.631  -2.791  8.832   1.00 7.71  ? 1  CBR A N1    1 
HETATM 4   C  C6    . CBR A 1 1 ? -0.330  -1.696  9.545   1.00 7.54  ? 1  CBR A C6    1 
HETATM 5   C  C2    . CBR A 1 1 ? 0.284   -3.786  8.499   1.00 5.16  ? 1  CBR A C2    1 
HETATM 6   O  O2    . CBR A 1 1 ? -0.021  -4.773  7.900   1.00 6.54  ? 1  CBR A O2    1 
HETATM 7   N  N3    . CBR A 1 1 ? 1.544   -3.635  9.077   1.00 4.03  ? 1  CBR A N3    1 
HETATM 8   C  C4    . CBR A 1 1 ? 1.847   -2.550  9.821   1.00 3.88  ? 1  CBR A C4    1 
HETATM 9   N  N4    . CBR A 1 1 ? 3.131   -2.504  10.175  1.00 5.90  ? 1  CBR A N4    1 
HETATM 10  C  C5    . CBR A 1 1 ? 0.887   -1.520  10.023  1.00 4.63  ? 1  CBR A C5    1 
HETATM 11  C  "C2'" . CBR A 1 1 ? -2.806  -3.756  9.482   1.00 7.86  ? 1  CBR A "C2'" 1 
HETATM 12  C  "C5'" . CBR A 1 1 ? -4.396  -0.564  9.447   1.00 8.70  ? 1  CBR A "C5'" 1 
HETATM 13  C  "C4'" . CBR A 1 1 ? -4.054  -1.802  8.651   1.00 9.87  ? 1  CBR A "C4'" 1 
HETATM 14  O  "O4'" . CBR A 1 1 ? -2.666  -1.787  8.193   1.00 7.20  ? 1  CBR A "O4'" 1 
HETATM 15  C  "C1'" . CBR A 1 1 ? -2.001  -3.021  8.430   1.00 7.11  ? 1  CBR A "C1'" 1 
HETATM 16  C  "C3'" . CBR A 1 1 ? -4.224  -3.233  9.138   1.00 5.69  ? 1  CBR A "C3'" 1 
HETATM 17  O  "O3'" . CBR A 1 1 ? -4.638  -4.059  8.019   1.00 12.37 ? 1  CBR A "O3'" 1 
ATOM   18  P  P     . DG  A 1 2 ? -6.256  -4.502  7.688   1.00 17.15 ? 2  DG  A P     1 
ATOM   19  O  OP1   . DG  A 1 2 ? -7.009  -4.672  8.873   1.00 17.10 ? 2  DG  A OP1   1 
ATOM   20  O  OP2   . DG  A 1 2 ? -6.046  -5.674  6.709   1.00 17.36 ? 2  DG  A OP2   1 
ATOM   21  O  "O5'" . DG  A 1 2 ? -6.956  -3.152  7.102   1.00 12.48 ? 2  DG  A "O5'" 1 
ATOM   22  C  "C5'" . DG  A 1 2 ? -6.635  -2.758  5.804   1.00 11.38 ? 2  DG  A "C5'" 1 
ATOM   23  C  "C4'" . DG  A 1 2 ? -7.276  -1.379  5.618   1.00 7.48  ? 2  DG  A "C4'" 1 
ATOM   24  O  "O4'" . DG  A 1 2 ? -6.838  -0.376  6.534   1.00 9.25  ? 2  DG  A "O4'" 1 
ATOM   25  C  "C3'" . DG  A 1 2 ? -6.854  -0.934  4.227   1.00 11.70 ? 2  DG  A "C3'" 1 
ATOM   26  O  "O3'" . DG  A 1 2 ? -7.890  -1.396  3.304   1.00 19.51 ? 2  DG  A "O3'" 1 
ATOM   27  C  "C2'" . DG  A 1 2 ? -6.836  0.544   4.326   1.00 9.79  ? 2  DG  A "C2'" 1 
ATOM   28  C  "C1'" . DG  A 1 2 ? -6.597  0.821   5.784   1.00 9.89  ? 2  DG  A "C1'" 1 
ATOM   29  N  N9    . DG  A 1 2 ? -5.231  1.304   6.200   1.00 12.37 ? 2  DG  A N9    1 
ATOM   30  C  C8    . DG  A 1 2 ? -4.952  2.461   6.954   1.00 5.54  ? 2  DG  A C8    1 
ATOM   31  N  N7    . DG  A 1 2 ? -3.717  2.525   7.245   1.00 7.84  ? 2  DG  A N7    1 
ATOM   32  C  C5    . DG  A 1 2 ? -3.085  1.450   6.554   1.00 8.23  ? 2  DG  A C5    1 
ATOM   33  C  C6    . DG  A 1 2 ? -1.785  0.975   6.612   1.00 7.13  ? 2  DG  A C6    1 
ATOM   34  O  O6    . DG  A 1 2 ? -0.816  1.579   7.107   1.00 9.54  ? 2  DG  A O6    1 
ATOM   35  N  N1    . DG  A 1 2 ? -1.527  -0.159  5.919   1.00 2.26  ? 2  DG  A N1    1 
ATOM   36  C  C2    . DG  A 1 2 ? -2.537  -0.856  5.299   1.00 5.23  ? 2  DG  A C2    1 
ATOM   37  N  N2    . DG  A 1 2 ? -2.168  -1.967  4.674   1.00 7.57  ? 2  DG  A N2    1 
ATOM   38  N  N3    . DG  A 1 2 ? -3.844  -0.494  5.268   1.00 7.50  ? 2  DG  A N3    1 
ATOM   39  C  C4    . DG  A 1 2 ? -4.020  0.665   5.935   1.00 10.53 ? 2  DG  A C4    1 
HETATM 40  BR BR    . CBR A 1 3 ? -4.569  3.288   3.257   1.00 13.29 ? 3  CBR A BR    1 
HETATM 41  P  P     . CBR A 1 3 ? -7.463  -2.439  2.077   1.00 14.84 ? 3  CBR A P     1 
HETATM 42  O  OP1   . CBR A 1 3 ? -8.602  -2.813  1.176   1.00 21.09 ? 3  CBR A OP1   1 
HETATM 43  O  OP2   . CBR A 1 3 ? -6.595  -3.579  2.573   1.00 16.21 ? 3  CBR A OP2   1 
HETATM 44  O  "O5'" . CBR A 1 3 ? -6.552  -1.268  1.283   1.00 10.97 ? 3  CBR A "O5'" 1 
HETATM 45  N  N1    . CBR A 1 3 ? -2.646  0.226   1.448   1.00 7.47  ? 3  CBR A N1    1 
HETATM 46  C  C6    . CBR A 1 3 ? -3.616  1.036   1.861   1.00 5.46  ? 3  CBR A C6    1 
HETATM 47  C  C2    . CBR A 1 3 ? -1.291  0.303   1.899   1.00 6.80  ? 3  CBR A C2    1 
HETATM 48  O  O2    . CBR A 1 3 ? -0.529  -0.503  1.473   1.00 9.60  ? 3  CBR A O2    1 
HETATM 49  N  N3    . CBR A 1 3 ? -1.008  1.245   2.848   1.00 8.22  ? 3  CBR A N3    1 
HETATM 50  C  C4    . CBR A 1 3 ? -1.949  2.158   3.206   1.00 9.25  ? 3  CBR A C4    1 
HETATM 51  N  N4    . CBR A 1 3 ? -1.566  3.080   4.076   1.00 7.30  ? 3  CBR A N4    1 
HETATM 52  C  C5    . CBR A 1 3 ? -3.323  2.093   2.690   1.00 8.04  ? 3  CBR A C5    1 
HETATM 53  C  "C2'" . CBR A 1 3 ? -3.256  -2.180  1.280   1.00 2.30  ? 3  CBR A "C2'" 1 
HETATM 54  C  "C5'" . CBR A 1 3 ? -6.385  -1.457  -0.210  1.00 9.60  ? 3  CBR A "C5'" 1 
HETATM 55  C  "C4'" . CBR A 1 3 ? -4.952  -1.721  -0.475  1.00 6.55  ? 3  CBR A "C4'" 1 
HETATM 56  O  "O4'" . CBR A 1 3 ? -4.078  -0.590  -0.249  1.00 8.11  ? 3  CBR A "O4'" 1 
HETATM 57  C  "C1'" . CBR A 1 3 ? -2.929  -0.907  0.566   1.00 6.94  ? 3  CBR A "C1'" 1 
HETATM 58  C  "C3'" . CBR A 1 3 ? -4.239  -2.831  0.332   1.00 9.98  ? 3  CBR A "C3'" 1 
HETATM 59  O  "O3'" . CBR A 1 3 ? -3.374  -3.527  -0.631  1.00 11.70 ? 3  CBR A "O3'" 1 
ATOM   60  P  P     . DG  A 1 4 ? -3.963  -4.907  -1.329  1.00 18.24 ? 4  DG  A P     1 
ATOM   61  O  OP1   . DG  A 1 4 ? -5.139  -5.495  -0.551  1.00 18.25 ? 4  DG  A OP1   1 
ATOM   62  O  OP2   . DG  A 1 4 ? -2.659  -5.487  -1.687  1.00 19.25 ? 4  DG  A OP2   1 
ATOM   63  O  "O5'" . DG  A 1 4 ? -4.747  -4.286  -2.619  1.00 10.77 ? 4  DG  A "O5'" 1 
ATOM   64  C  "C5'" . DG  A 1 4 ? -4.058  -3.522  -3.635  1.00 10.48 ? 4  DG  A "C5'" 1 
ATOM   65  C  "C4'" . DG  A 1 4 ? -5.173  -2.989  -4.553  1.00 7.54  ? 4  DG  A "C4'" 1 
ATOM   66  O  "O4'" . DG  A 1 4 ? -5.930  -2.168  -3.779  1.00 8.47  ? 4  DG  A "O4'" 1 
ATOM   67  C  "C3'" . DG  A 1 4 ? -4.556  -2.097  -5.636  1.00 6.24  ? 4  DG  A "C3'" 1 
ATOM   68  O  "O3'" . DG  A 1 4 ? -4.323  -2.817  -6.838  1.00 8.33  ? 4  DG  A "O3'" 1 
ATOM   69  C  "C2'" . DG  A 1 4 ? -5.705  -1.097  -5.914  1.00 7.45  ? 4  DG  A "C2'" 1 
ATOM   70  C  "C1'" . DG  A 1 4 ? -6.418  -1.117  -4.561  1.00 7.26  ? 4  DG  A "C1'" 1 
ATOM   71  N  N9    . DG  A 1 4 ? -6.114  0.086   -3.746  1.00 2.65  ? 4  DG  A N9    1 
ATOM   72  C  C8    . DG  A 1 4 ? -7.165  0.817   -3.214  1.00 7.82  ? 4  DG  A C8    1 
ATOM   73  N  N7    . DG  A 1 4 ? -6.770  1.809   -2.435  1.00 6.56  ? 4  DG  A N7    1 
ATOM   74  C  C5    . DG  A 1 4 ? -5.378  1.662   -2.452  1.00 4.77  ? 4  DG  A C5    1 
ATOM   75  C  C6    . DG  A 1 4 ? -4.369  2.345   -1.717  1.00 8.16  ? 4  DG  A C6    1 
ATOM   76  O  O6    . DG  A 1 4 ? -4.537  3.268   -0.937  1.00 7.10  ? 4  DG  A O6    1 
ATOM   77  N  N1    . DG  A 1 4 ? -3.120  1.871   -1.874  1.00 5.78  ? 4  DG  A N1    1 
ATOM   78  C  C2    . DG  A 1 4 ? -2.765  0.809   -2.621  1.00 3.63  ? 4  DG  A C2    1 
ATOM   79  N  N2    . DG  A 1 4 ? -1.524  0.453   -2.710  1.00 5.91  ? 4  DG  A N2    1 
ATOM   80  N  N3    . DG  A 1 4 ? -3.711  0.158   -3.396  1.00 4.41  ? 4  DG  A N3    1 
ATOM   81  C  C4    . DG  A 1 4 ? -4.979  0.564   -3.189  1.00 5.07  ? 4  DG  A C4    1 
HETATM 82  BR BR    . CBR A 1 5 ? -5.739  2.786   -6.308  1.00 11.23 ? 5  CBR A BR    1 
HETATM 83  P  P     . CBR A 1 5 ? -2.848  -3.080  -7.366  1.00 17.39 ? 5  CBR A P     1 
HETATM 84  O  OP1   . CBR A 1 5 ? -3.007  -3.769  -8.720  1.00 17.41 ? 5  CBR A OP1   1 
HETATM 85  O  OP2   . CBR A 1 5 ? -1.813  -3.477  -6.302  1.00 10.36 ? 5  CBR A OP2   1 
HETATM 86  O  "O5'" . CBR A 1 5 ? -2.360  -1.560  -7.860  1.00 10.50 ? 5  CBR A "O5'" 1 
HETATM 87  N  N1    . CBR A 1 5 ? -1.691  2.299   -6.172  1.00 4.08  ? 5  CBR A N1    1 
HETATM 88  C  C6    . CBR A 1 5 ? -3.033  2.175   -6.470  1.00 5.02  ? 5  CBR A C6    1 
HETATM 89  C  C2    . CBR A 1 5 ? -1.326  3.217   -5.179  1.00 7.32  ? 5  CBR A C2    1 
HETATM 90  O  O2    . CBR A 1 5 ? -0.108  3.196   -4.942  1.00 7.23  ? 5  CBR A O2    1 
HETATM 91  N  N3    . CBR A 1 5 ? -2.282  3.928   -4.551  1.00 4.37  ? 5  CBR A N3    1 
HETATM 92  C  C4    . CBR A 1 5 ? -3.558  3.910   -4.855  1.00 4.73  ? 5  CBR A C4    1 
HETATM 93  N  N4    . CBR A 1 5 ? -4.436  4.675   -4.135  1.00 4.47  ? 5  CBR A N4    1 
HETATM 94  C  C5    . CBR A 1 5 ? -3.974  2.886   -5.839  1.00 5.81  ? 5  CBR A C5    1 
HETATM 95  C  "C2'" . CBR A 1 5 ? -0.451  0.096   -5.996  1.00 6.55  ? 5  CBR A "C2'" 1 
HETATM 96  C  "C5'" . CBR A 1 5 ? -1.506  -1.175  -8.941  1.00 12.84 ? 5  CBR A "C5'" 1 
HETATM 97  C  "C4'" . CBR A 1 5 ? -0.478  -0.226  -8.353  1.00 4.93  ? 5  CBR A "C4'" 1 
HETATM 98  O  "O4'" . CBR A 1 5 ? -1.090  0.997   -8.033  1.00 7.30  ? 5  CBR A "O4'" 1 
HETATM 99  C  "C1'" . CBR A 1 5 ? -0.650  1.434   -6.750  1.00 9.68  ? 5  CBR A "C1'" 1 
HETATM 100 C  "C3'" . CBR A 1 5 ? 0.257   -0.672  -7.120  1.00 8.04  ? 5  CBR A "C3'" 1 
HETATM 101 O  "O3'" . CBR A 1 5 ? 1.644   -0.163  -7.260  1.00 8.74  ? 5  CBR A "O3'" 1 
ATOM   102 P  P     . DG  A 1 6 ? 2.775   -1.243  -7.512  1.00 14.11 ? 6  DG  A P     1 
ATOM   103 O  OP1   . DG  A 1 6 ? 2.502   -2.493  -6.918  1.00 11.34 ? 6  DG  A OP1   1 
ATOM   104 O  OP2   . DG  A 1 6 ? 4.041   -0.358  -7.469  1.00 17.29 ? 6  DG  A OP2   1 
ATOM   105 O  "O5'" . DG  A 1 6 ? 2.659   -1.462  -9.167  1.00 8.66  ? 6  DG  A "O5'" 1 
ATOM   106 C  "C5'" . DG  A 1 6 ? 3.133   -0.629  -10.220 1.00 9.52  ? 6  DG  A "C5'" 1 
ATOM   107 C  "C4'" . DG  A 1 6 ? 2.677   -1.233  -11.507 1.00 11.95 ? 6  DG  A "C4'" 1 
ATOM   108 O  "O4'" . DG  A 1 6 ? 1.275   -1.169  -11.543 1.00 10.00 ? 6  DG  A "O4'" 1 
ATOM   109 C  "C3'" . DG  A 1 6 ? 3.272   -0.364  -12.666 1.00 17.81 ? 6  DG  A "C3'" 1 
ATOM   110 O  "O3'" . DG  A 1 6 ? 3.657   -1.242  -13.744 1.00 18.61 ? 6  DG  A "O3'" 1 
ATOM   111 C  "C2'" . DG  A 1 6 ? 2.101   0.418   -13.098 1.00 9.48  ? 6  DG  A "C2'" 1 
ATOM   112 C  "C1'" . DG  A 1 6 ? 0.910   -0.416  -12.703 1.00 9.10  ? 6  DG  A "C1'" 1 
ATOM   113 N  N9    . DG  A 1 6 ? -0.218  0.424   -12.320 1.00 5.91  ? 6  DG  A N9    1 
ATOM   114 C  C8    . DG  A 1 6 ? -1.503  0.141   -12.677 1.00 8.68  ? 6  DG  A C8    1 
ATOM   115 N  N7    . DG  A 1 6 ? -2.414  0.874   -12.110 1.00 7.44  ? 6  DG  A N7    1 
ATOM   116 C  C5    . DG  A 1 6 ? -1.593  1.783   -11.310 1.00 7.04  ? 6  DG  A C5    1 
ATOM   117 C  C6    . DG  A 1 6 ? -2.007  2.861   -10.475 1.00 7.54  ? 6  DG  A C6    1 
ATOM   118 O  O6    . DG  A 1 6 ? -3.137  3.303   -10.278 1.00 7.11  ? 6  DG  A O6    1 
ATOM   119 N  N1    . DG  A 1 6 ? -0.961  3.485   -9.807  1.00 7.37  ? 6  DG  A N1    1 
ATOM   120 C  C2    . DG  A 1 6 ? 0.313   3.059   -9.976  1.00 2.39  ? 6  DG  A C2    1 
ATOM   121 N  N2    . DG  A 1 6 ? 1.260   3.744   -9.244  1.00 4.35  ? 6  DG  A N2    1 
ATOM   122 N  N3    . DG  A 1 6 ? 0.741   2.026   -10.724 1.00 6.40  ? 6  DG  A N3    1 
ATOM   123 C  C4    . DG  A 1 6 ? -0.300  1.483   -11.421 1.00 5.72  ? 6  DG  A C4    1 
HETATM 124 BR BR    . CBR B 1 1 ? -4.983  7.422   -6.445  1.00 12.23 ? 7  CBR B BR    1 
HETATM 125 O  "O5'" . CBR B 1 1 ? -1.375  10.976  -4.553  1.00 16.72 ? 7  CBR B "O5'" 1 
HETATM 126 N  N1    . CBR B 1 1 ? -0.989  7.100   -6.336  1.00 4.52  ? 7  CBR B N1    1 
HETATM 127 C  C6    . CBR B 1 1 ? -2.225  7.494   -6.056  1.00 8.31  ? 7  CBR B C6    1 
HETATM 128 C  C2    . CBR B 1 1 ? -0.621  6.113   -7.205  1.00 7.10  ? 7  CBR B C2    1 
HETATM 129 O  O2    . CBR B 1 1 ? 0.543   5.777   -7.464  1.00 9.11  ? 7  CBR B O2    1 
HETATM 130 N  N3    . CBR B 1 1 ? -1.666  5.543   -7.867  1.00 6.28  ? 7  CBR B N3    1 
HETATM 131 C  C4    . CBR B 1 1 ? -2.958  5.916   -7.713  1.00 7.73  ? 7  CBR B C4    1 
HETATM 132 N  N4    . CBR B 1 1 ? -3.892  5.328   -8.449  1.00 4.72  ? 7  CBR B N4    1 
HETATM 133 C  C5    . CBR B 1 1 ? -3.261  7.012   -6.790  1.00 11.11 ? 7  CBR B C5    1 
HETATM 134 C  "C2'" . CBR B 1 1 ? 0.766   8.877   -6.385  1.00 7.56  ? 7  CBR B "C2'" 1 
HETATM 135 C  "C5'" . CBR B 1 1 ? -0.529  10.475  -3.462  1.00 12.44 ? 7  CBR B "C5'" 1 
HETATM 136 C  "C4'" . CBR B 1 1 ? 0.442   9.448   -4.002  1.00 9.64  ? 7  CBR B "C4'" 1 
HETATM 137 O  "O4'" . CBR B 1 1 ? -0.231  8.241   -4.394  1.00 7.22  ? 7  CBR B "O4'" 1 
HETATM 138 C  "C1'" . CBR B 1 1 ? 0.193   7.742   -5.639  1.00 6.98  ? 7  CBR B "C1'" 1 
HETATM 139 C  "C3'" . CBR B 1 1 ? 1.265   9.762   -5.214  1.00 9.38  ? 7  CBR B "C3'" 1 
HETATM 140 O  "O3'" . CBR B 1 1 ? 2.599   9.308   -5.113  1.00 8.44  ? 7  CBR B "O3'" 1 
ATOM   141 P  P     . DG  B 1 2 ? 3.834   10.163  -4.519  1.00 9.15  ? 8  DG  B P     1 
ATOM   142 O  OP1   . DG  B 1 2 ? 3.606   11.535  -4.971  1.00 10.82 ? 8  DG  B OP1   1 
ATOM   143 O  OP2   . DG  B 1 2 ? 4.999   9.615   -4.993  1.00 10.51 ? 8  DG  B OP2   1 
ATOM   144 O  "O5'" . DG  B 1 2 ? 3.495   10.184  -2.942  1.00 9.02  ? 8  DG  B "O5'" 1 
ATOM   145 C  "C5'" . DG  B 1 2 ? 3.693   8.982   -2.177  1.00 3.84  ? 8  DG  B "C5'" 1 
ATOM   146 C  "C4'" . DG  B 1 2 ? 3.293   9.283   -0.751  1.00 6.46  ? 8  DG  B "C4'" 1 
ATOM   147 O  "O4'" . DG  B 1 2 ? 2.029   9.788   -0.668  1.00 8.32  ? 8  DG  B "O4'" 1 
ATOM   148 C  "C3'" . DG  B 1 2 ? 3.289   7.960   0.006   1.00 6.01  ? 8  DG  B "C3'" 1 
ATOM   149 O  "O3'" . DG  B 1 2 ? 4.515   7.777   0.736   1.00 10.07 ? 8  DG  B "O3'" 1 
ATOM   150 C  "C2'" . DG  B 1 2 ? 2.159   8.127   0.966   1.00 5.84  ? 8  DG  B "C2'" 1 
ATOM   151 C  "C1'" . DG  B 1 2 ? 1.244   9.223   0.409   1.00 5.54  ? 8  DG  B "C1'" 1 
ATOM   152 N  N9    . DG  B 1 2 ? -0.034  8.748   -0.145  1.00 4.52  ? 8  DG  B N9    1 
ATOM   153 C  C8    . DG  B 1 2 ? -1.220  9.294   0.104   1.00 7.60  ? 8  DG  B C8    1 
ATOM   154 N  N7    . DG  B 1 2 ? -2.220  8.709   -0.444  1.00 8.29  ? 8  DG  B N7    1 
ATOM   155 C  C5    . DG  B 1 2 ? -1.588  7.676   -1.182  1.00 4.66  ? 8  DG  B C5    1 
ATOM   156 C  C6    . DG  B 1 2 ? -2.101  6.703   -2.111  1.00 5.13  ? 8  DG  B C6    1 
ATOM   157 O  O6    . DG  B 1 2 ? -3.285  6.453   -2.309  1.00 8.89  ? 8  DG  B O6    1 
ATOM   158 N  N1    . DG  B 1 2 ? -1.145  5.811   -2.530  1.00 5.41  ? 8  DG  B N1    1 
ATOM   159 C  C2    . DG  B 1 2 ? 0.166   5.947   -2.342  1.00 4.97  ? 8  DG  B C2    1 
ATOM   160 N  N2    . DG  B 1 2 ? 0.950   5.050   -2.984  1.00 6.33  ? 8  DG  B N2    1 
ATOM   161 N  N3    . DG  B 1 2 ? 0.694   6.902   -1.498  1.00 4.76  ? 8  DG  B N3    1 
ATOM   162 C  C4    . DG  B 1 2 ? -0.234  7.706   -1.009  1.00 5.75  ? 8  DG  B C4    1 
HETATM 163 BR BR    . CBR B 1 3 ? -0.580  6.155   2.464   1.00 12.50 ? 9  CBR B BR    1 
HETATM 164 P  P     . CBR B 1 3 ? 5.559   6.609   0.457   1.00 11.55 ? 9  CBR B P     1 
HETATM 165 O  OP1   . CBR B 1 3 ? 6.750   6.767   1.233   1.00 10.59 ? 9  CBR B OP1   1 
HETATM 166 O  OP2   . CBR B 1 3 ? 5.713   6.471   -1.006  1.00 15.94 ? 9  CBR B OP2   1 
HETATM 167 O  "O5'" . CBR B 1 3 ? 4.730   5.342   1.075   1.00 7.81  ? 9  CBR B "O5'" 1 
HETATM 168 N  N1    . CBR B 1 3 ? 1.249   3.098   0.369   1.00 6.77  ? 9  CBR B N1    1 
HETATM 169 C  C6    . CBR B 1 3 ? 0.965   4.205   1.162   1.00 5.35  ? 9  CBR B C6    1 
HETATM 170 C  C2    . CBR B 1 3 ? 0.153   2.595   -0.384  1.00 8.99  ? 9  CBR B C2    1 
HETATM 171 O  O2    . CBR B 1 3 ? 0.529   1.652   -1.062  1.00 8.24  ? 9  CBR B O2    1 
HETATM 172 N  N3    . CBR B 1 3 ? -1.083  3.166   -0.236  1.00 7.58  ? 9  CBR B N3    1 
HETATM 173 C  C4    . CBR B 1 3 ? -1.358  4.222   0.531   1.00 9.29  ? 9  CBR B C4    1 
HETATM 174 N  N4    . CBR B 1 3 ? -2.601  4.680   0.553   1.00 5.58  ? 9  CBR B N4    1 
HETATM 175 C  C5    . CBR B 1 3 ? -0.231  4.796   1.258   1.00 9.15  ? 9  CBR B C5    1 
HETATM 176 C  "C2'" . CBR B 1 3 ? 3.404   3.262   -0.886  1.00 5.13  ? 9  CBR B "C2'" 1 
HETATM 177 C  "C5'" . CBR B 1 3 ? 5.447   4.270   1.765   1.00 9.54  ? 9  CBR B "C5'" 1 
HETATM 178 C  "C4'" . CBR B 1 3 ? 4.851   3.041   1.072   1.00 8.00  ? 9  CBR B "C4'" 1 
HETATM 179 O  "O4'" . CBR B 1 3 ? 3.468   2.860   1.417   1.00 7.40  ? 9  CBR B "O4'" 1 
HETATM 180 C  "C1'" . CBR B 1 3 ? 2.597   2.603   0.280   1.00 5.75  ? 9  CBR B "C1'" 1 
HETATM 181 C  "C3'" . CBR B 1 3 ? 4.829   3.003   -0.456  1.00 8.35  ? 9  CBR B "C3'" 1 
HETATM 182 O  "O3'" . CBR B 1 3 ? 5.150   1.613   -0.756  1.00 11.57 ? 9  CBR B "O3'" 1 
ATOM   183 P  P     . DG  B 1 4 ? 6.606   1.136   -1.064  1.00 11.36 ? 10 DG  B P     1 
ATOM   184 O  OP1   . DG  B 1 4 ? 7.398   2.204   -1.690  1.00 14.75 ? 10 DG  B OP1   1 
ATOM   185 O  OP2   . DG  B 1 4 ? 6.324   -0.191  -1.483  1.00 16.83 ? 10 DG  B OP2   1 
ATOM   186 O  "O5'" . DG  B 1 4 ? 7.228   0.822   0.436   1.00 12.60 ? 10 DG  B "O5'" 1 
ATOM   187 C  "C5'" . DG  B 1 4 ? 6.883   -0.329  1.300   1.00 5.82  ? 10 DG  B "C5'" 1 
ATOM   188 C  "C4'" . DG  B 1 4 ? 7.530   -0.003  2.646   1.00 7.21  ? 10 DG  B "C4'" 1 
ATOM   189 O  "O4'" . DG  B 1 4 ? 7.055   1.199   3.130   1.00 9.42  ? 10 DG  B "O4'" 1 
ATOM   190 C  "C3'" . DG  B 1 4 ? 7.002   -1.103  3.610   1.00 9.13  ? 10 DG  B "C3'" 1 
ATOM   191 O  "O3'" . DG  B 1 4 ? 7.928   -2.232  3.651   1.00 9.42  ? 10 DG  B "O3'" 1 
ATOM   192 C  "C2'" . DG  B 1 4 ? 6.845   -0.415  4.897   1.00 6.63  ? 10 DG  B "C2'" 1 
ATOM   193 C  "C1'" . DG  B 1 4 ? 6.848   1.041   4.554   1.00 7.51  ? 10 DG  B "C1'" 1 
ATOM   194 N  N9    . DG  B 1 4 ? 5.603   1.759   4.820   1.00 12.08 ? 10 DG  B N9    1 
ATOM   195 C  C8    . DG  B 1 4 ? 5.373   2.938   5.513   1.00 4.75  ? 10 DG  B C8    1 
ATOM   196 N  N7    . DG  B 1 4 ? 4.212   3.398   5.449   1.00 10.32 ? 10 DG  B N7    1 
ATOM   197 C  C5    . DG  B 1 4 ? 3.521   2.436   4.651   1.00 5.48  ? 10 DG  B C5    1 
ATOM   198 C  C6    . DG  B 1 4 ? 2.124   2.376   4.338   1.00 8.96  ? 10 DG  B C6    1 
ATOM   199 O  O6    . DG  B 1 4 ? 1.250   3.180   4.682   1.00 9.59  ? 10 DG  B O6    1 
ATOM   200 N  N1    . DG  B 1 4 ? 1.816   1.265   3.591   1.00 11.50 ? 10 DG  B N1    1 
ATOM   201 C  C2    . DG  B 1 4 ? 2.713   0.333   3.239   1.00 10.79 ? 10 DG  B C2    1 
ATOM   202 N  N2    . DG  B 1 4 ? 2.231   -0.610  2.472   1.00 6.33  ? 10 DG  B N2    1 
ATOM   203 N  N3    . DG  B 1 4 ? 4.059   0.319   3.490   1.00 7.71  ? 10 DG  B N3    1 
ATOM   204 C  C4    . DG  B 1 4 ? 4.312   1.395   4.270   1.00 11.12 ? 10 DG  B C4    1 
HETATM 205 BR BR    . CBR B 1 5 ? 4.747   -0.167  7.936   1.00 10.88 ? 11 CBR B BR    1 
HETATM 206 P  P     . CBR B 1 5 ? 7.746   -3.631  3.209   1.00 19.35 ? 11 CBR B P     1 
HETATM 207 O  OP1   . CBR B 1 5 ? 8.905   -4.480  3.697   1.00 22.57 ? 11 CBR B OP1   1 
HETATM 208 O  OP2   . CBR B 1 5 ? 7.074   -3.727  1.952   1.00 24.62 ? 11 CBR B OP2   1 
HETATM 209 O  "O5'" . CBR B 1 5 ? 6.513   -4.175  4.212   1.00 16.49 ? 11 CBR B "O5'" 1 
HETATM 210 N  N1    . CBR B 1 5 ? 2.694   -2.816  5.640   1.00 4.83  ? 11 CBR B N1    1 
HETATM 211 C  C6    . CBR B 1 5 ? 3.649   -2.141  6.348   1.00 3.72  ? 11 CBR B C6    1 
HETATM 212 C  C2    . CBR B 1 5 ? 1.371   -2.340  5.641   1.00 3.21  ? 11 CBR B C2    1 
HETATM 213 O  O2    . CBR B 1 5 ? 0.557   -2.971  4.999   1.00 5.12  ? 11 CBR B O2    1 
HETATM 214 N  N3    . CBR B 1 5 ? 1.167   -1.131  6.201   1.00 8.04  ? 11 CBR B N3    1 
HETATM 215 C  C4    . CBR B 1 5 ? 2.127   -0.448  6.860   1.00 6.03  ? 11 CBR B C4    1 
HETATM 216 N  N4    . CBR B 1 5 ? 1.775   0.731   7.370   1.00 7.77  ? 11 CBR B N4    1 
HETATM 217 C  C5    . CBR B 1 5 ? 3.401   -0.988  6.973   1.00 1.31  ? 11 CBR B C5    1 
HETATM 218 C  "C2'" . CBR B 1 5 ? 3.208   -3.956  3.494   1.00 5.97  ? 11 CBR B "C2'" 1 
HETATM 219 C  "C5'" . CBR B 1 5 ? 6.221   -5.486  4.630   1.00 10.32 ? 11 CBR B "C5'" 1 
HETATM 220 C  "C4'" . CBR B 1 5 ? 4.687   -5.633  4.493   1.00 8.54  ? 11 CBR B "C4'" 1 
HETATM 221 O  "O4'" . CBR B 1 5 ? 3.976   -4.884  5.508   1.00 9.44  ? 11 CBR B "O4'" 1 
HETATM 222 C  "C1'" . CBR B 1 5 ? 2.934   -4.070  4.946   1.00 4.75  ? 11 CBR B "C1'" 1 
HETATM 223 C  "C3'" . CBR B 1 5 ? 4.118   -5.136  3.205   1.00 11.49 ? 11 CBR B "C3'" 1 
HETATM 224 O  "O3'" . CBR B 1 5 ? 3.197   -6.257  2.896   1.00 14.21 ? 11 CBR B "O3'" 1 
ATOM   225 P  P     . DG  B 1 6 ? 3.538   -7.370  1.670   1.00 16.08 ? 12 DG  B P     1 
ATOM   226 O  OP1   . DG  B 1 6 ? 4.172   -6.534  0.694   1.00 17.34 ? 12 DG  B OP1   1 
ATOM   227 O  OP2   . DG  B 1 6 ? 2.215   -8.006  1.675   1.00 18.77 ? 12 DG  B OP2   1 
ATOM   228 O  "O5'" . DG  B 1 6 ? 4.598   -8.236  2.460   1.00 12.39 ? 12 DG  B "O5'" 1 
ATOM   229 C  "C5'" . DG  B 1 6 ? 4.069   -9.071  3.527   1.00 10.57 ? 12 DG  B "C5'" 1 
ATOM   230 C  "C4'" . DG  B 1 6 ? 5.314   -9.792  3.966   1.00 10.84 ? 12 DG  B "C4'" 1 
ATOM   231 O  "O4'" . DG  B 1 6 ? 6.069   -8.927  4.784   1.00 12.23 ? 12 DG  B "O4'" 1 
ATOM   232 C  "C3'" . DG  B 1 6 ? 4.903   -10.990 4.796   1.00 18.94 ? 12 DG  B "C3'" 1 
ATOM   233 O  "O3'" . DG  B 1 6 ? 5.938   -12.032 4.643   1.00 33.12 ? 12 DG  B "O3'" 1 
ATOM   234 C  "C2'" . DG  B 1 6 ? 5.029   -10.494 6.192   1.00 7.86  ? 12 DG  B "C2'" 1 
ATOM   235 C  "C1'" . DG  B 1 6 ? 6.190   -9.519  6.110   1.00 9.10  ? 12 DG  B "C1'" 1 
ATOM   236 N  N9    . DG  B 1 6 ? 6.162   -8.405  7.043   1.00 11.20 ? 12 DG  B N9    1 
ATOM   237 C  C8    . DG  B 1 6 ? 7.253   -7.829  7.611   1.00 13.18 ? 12 DG  B C8    1 
ATOM   238 N  N7    . DG  B 1 6 ? 7.014   -6.741  8.327   1.00 13.05 ? 12 DG  B N7    1 
ATOM   239 C  C5    . DG  B 1 6 ? 5.625   -6.578  8.214   1.00 10.55 ? 12 DG  B C5    1 
ATOM   240 C  C6    . DG  B 1 6 ? 4.721   -5.596  8.743   1.00 12.47 ? 12 DG  B C6    1 
ATOM   241 O  O6    . DG  B 1 6 ? 5.036   -4.577  9.433   1.00 5.51  ? 12 DG  B O6    1 
ATOM   242 N  N1    . DG  B 1 6 ? 3.438   -5.801  8.334   1.00 8.46  ? 12 DG  B N1    1 
ATOM   243 C  C2    . DG  B 1 6 ? 2.998   -6.830  7.492   1.00 6.30  ? 12 DG  B C2    1 
ATOM   244 N  N2    . DG  B 1 6 ? 1.728   -6.932  7.094   1.00 7.86  ? 12 DG  B N2    1 
ATOM   245 N  N3    . DG  B 1 6 ? 3.823   -7.753  7.017   1.00 9.46  ? 12 DG  B N3    1 
ATOM   246 C  C4    . DG  B 1 6 ? 5.087   -7.601  7.441   1.00 8.05  ? 12 DG  B C4    1 
HETATM 247 O  O     . HOH C 2 . ? -2.939  4.527   8.488   0.90 30.68 ? 13 HOH A O     1 
HETATM 248 O  O     . HOH C 2 . ? 6.795   -4.751  -14.446 1.00 14.07 ? 15 HOH A O     1 
HETATM 249 O  O     . HOH C 2 . ? -2.557  1.756   10.953  1.00 20.65 ? 17 HOH A O     1 
HETATM 250 O  O     . HOH C 2 . ? -5.577  -2.851  12.309  0.94 15.46 ? 18 HOH A O     1 
HETATM 251 O  O     . HOH C 2 . ? -3.799  -5.499  12.301  0.90 15.32 ? 19 HOH A O     1 
HETATM 252 O  O     . HOH C 2 . ? -4.798  0.699   -9.364  1.00 18.90 ? 22 HOH A O     1 
HETATM 253 O  O     . HOH C 2 . ? -4.112  -4.215  3.847   1.00 15.53 ? 23 HOH A O     1 
HETATM 254 O  O     . HOH C 2 . ? 4.770   -0.590  11.751  1.00 16.24 ? 25 HOH A O     1 
HETATM 255 O  O     . HOH C 2 . ? -5.761  -4.806  -10.126 1.00 32.23 ? 32 HOH A O     1 
HETATM 256 O  O     . HOH C 2 . ? 1.971   -2.457  -3.826  0.87 19.18 ? 35 HOH A O     1 
HETATM 257 O  O     . HOH C 2 . ? 6.111   -4.784  -9.528  1.00 32.83 ? 38 HOH A O     1 
HETATM 258 O  O     . HOH C 2 . ? -0.491  4.853   7.411   1.00 45.18 ? 39 HOH A O     1 
HETATM 259 O  O     . HOH C 2 . ? -4.103  -3.020  -11.408 0.99 25.48 ? 40 HOH A O     1 
HETATM 260 O  O     . HOH C 2 . ? 6.337   0.712   16.525  0.91 20.68 ? 41 HOH A O     1 
HETATM 261 O  O     . HOH C 2 . ? -8.055  5.302   2.114   0.98 31.18 ? 42 HOH A O     1 
HETATM 262 O  O     . HOH C 2 . ? -5.043  0.050   -12.074 0.88 21.65 ? 45 HOH A O     1 
HETATM 263 O  O     . HOH C 2 . ? -2.438  -6.304  -8.929  1.00 38.83 ? 47 HOH A O     1 
HETATM 264 O  O     . HOH C 2 . ? -10.039 -1.301  -0.301  0.55 14.66 ? 48 HOH A O     1 
HETATM 265 O  O     . HOH C 2 . ? -5.433  -7.469  -11.430 0.73 37.48 ? 51 HOH A O     1 
HETATM 266 O  O     . HOH C 2 . ? 3.952   -7.153  -7.943  1.00 37.70 ? 52 HOH A O     1 
HETATM 267 O  O     . HOH C 2 . ? 0.408   -4.659  -7.724  0.75 28.95 ? 53 HOH A O     1 
HETATM 268 O  O     . HOH C 2 . ? -3.182  -6.426  5.539   1.00 35.41 ? 54 HOH A O     1 
HETATM 269 O  O     . HOH C 2 . ? -5.436  3.538   -12.341 1.00 36.72 ? 56 HOH A O     1 
HETATM 270 O  O     . HOH C 2 . ? -6.061  -6.164  2.691   1.00 45.47 ? 57 HOH A O     1 
HETATM 271 O  O     . HOH C 2 . ? 1.308   -1.493  -0.569  0.89 21.85 ? 58 HOH A O     1 
HETATM 272 O  O     . HOH C 2 . ? -2.947  5.380   5.592   0.82 19.41 ? 60 HOH A O     1 
HETATM 273 O  O     . HOH C 2 . ? -8.558  -5.197  -0.306  1.00 33.32 ? 62 HOH A O     1 
HETATM 274 O  O     . HOH C 2 . ? 5.584   -2.718  -4.158  0.91 57.33 ? 64 HOH A O     1 
HETATM 275 O  O     . HOH C 2 . ? -9.846  -4.034  4.086   1.00 54.38 ? 65 HOH A O     1 
HETATM 276 O  O     . HOH C 2 . ? -5.328  -6.991  10.084  0.81 27.32 ? 66 HOH A O     1 
HETATM 277 O  O     . HOH C 2 . ? -0.710  -2.316  -3.781  0.97 11.84 ? 69 HOH A O     1 
HETATM 278 O  O     . HOH C 2 . ? -1.786  -7.251  -6.475  1.00 38.85 ? 72 HOH A O     1 
HETATM 279 O  O     . HOH C 2 . ? -1.089  2.868   9.083   1.00 33.95 ? 73 HOH A O     1 
HETATM 280 O  O     . HOH C 2 . ? 1.460   -7.247  -7.110  1.00 35.53 ? 75 HOH A O     1 
HETATM 281 O  O     . HOH C 2 . ? -6.051  5.716   -0.356  1.00 38.86 ? 77 HOH A O     1 
HETATM 282 O  O     . HOH C 2 . ? 5.038   -0.399  14.616  1.00 50.62 ? 79 HOH A O     1 
HETATM 283 O  O     . HOH C 2 . ? 5.357   -2.950  -12.969 1.00 23.09 ? 81 HOH A O     1 
HETATM 284 O  O     . HOH C 2 . ? -2.006  -6.765  8.028   0.99 26.44 ? 82 HOH A O     1 
HETATM 285 O  O     . HOH C 2 . ? -10.571 -4.835  9.358   1.00 43.97 ? 83 HOH A O     1 
HETATM 286 O  O     . HOH C 2 . ? -6.836  -5.945  -19.396 0.84 31.67 ? 84 HOH A O     1 
HETATM 287 O  O     . HOH C 2 . ? -0.930  -5.918  -4.093  1.00 37.47 ? 85 HOH A O     1 
HETATM 288 O  O     . HOH C 2 . ? -9.646  -7.055  2.299   0.83 53.18 ? 86 HOH A O     1 
HETATM 289 O  O     . HOH C 2 . ? 3.873   1.350   -5.036  0.74 34.19 ? 87 HOH A O     1 
HETATM 290 O  O     . HOH C 2 . ? -5.157  -7.775  1.110   0.75 38.67 ? 88 HOH A O     1 
HETATM 291 O  O     . HOH C 2 . ? -5.444  -5.343  -13.490 0.54 17.19 ? 89 HOH A O     1 
HETATM 292 O  O     . HOH C 2 . ? -7.766  -6.189  4.464   0.78 29.00 ? 90 HOH A O     1 
HETATM 293 O  O     . HOH C 2 . ? -8.226  -4.323  11.119  0.84 30.71 ? 91 HOH A O     1 
HETATM 294 O  O     . HOH C 2 . ? -9.985  -5.485  6.322   0.66 38.56 ? 92 HOH A O     1 
HETATM 295 O  O     . HOH C 2 . ? 5.434   -3.957  -6.589  0.83 45.50 ? 94 HOH A O     1 
HETATM 296 O  O     . HOH C 2 . ? 1.722   1.557   -3.875  0.60 27.84 ? 95 HOH A O     1 
HETATM 297 O  O     . HOH D 2 . ? 2.043   13.749  -4.898  0.85 13.88 ? 14 HOH B O     1 
HETATM 298 O  O     . HOH D 2 . ? 3.832   5.490   -3.150  1.00 12.25 ? 16 HOH B O     1 
HETATM 299 O  O     . HOH D 2 . ? 2.574   -0.307  -2.634  1.00 22.65 ? 20 HOH B O     1 
HETATM 300 O  O     . HOH D 2 . ? 0.547   -8.082  4.477   0.86 18.46 ? 21 HOH B O     1 
HETATM 301 O  O     . HOH D 2 . ? 8.664   4.576   -0.955  0.92 14.35 ? 24 HOH B O     1 
HETATM 302 O  O     . HOH D 2 . ? -4.006  10.554  -3.587  1.00 21.26 ? 26 HOH B O     1 
HETATM 303 O  O     . HOH D 2 . ? 4.302   -2.495  0.548   1.00 22.86 ? 27 HOH B O     1 
HETATM 304 O  O     . HOH D 2 . ? 3.163   3.092   8.739   0.89 14.30 ? 28 HOH B O     1 
HETATM 305 O  O     . HOH D 2 . ? 6.365   -7.789  -4.587  0.98 46.75 ? 29 HOH B O     1 
HETATM 306 O  O     . HOH D 2 . ? -0.150  -3.677  1.949   0.71 17.72 ? 30 HOH B O     1 
HETATM 307 O  O     . HOH D 2 . ? 6.299   -6.044  0.014   0.89 20.66 ? 31 HOH B O     1 
HETATM 308 O  O     . HOH D 2 . ? 6.431   3.600   -3.966  1.00 30.76 ? 33 HOH B O     1 
HETATM 309 O  O     . HOH D 2 . ? -0.970  -5.423  4.832   0.98 26.34 ? 34 HOH B O     1 
HETATM 310 O  O     . HOH D 2 . ? 8.596   8.177   -0.379  0.97 16.23 ? 36 HOH B O     1 
HETATM 311 O  O     . HOH D 2 . ? 2.668   4.039   -6.043  0.89 24.98 ? 37 HOH B O     1 
HETATM 312 O  O     . HOH D 2 . ? -0.477  13.397  -6.027  1.00 28.11 ? 43 HOH B O     1 
HETATM 313 O  O     . HOH D 2 . ? 4.806   6.719   -5.376  1.00 24.13 ? 44 HOH B O     1 
HETATM 314 O  O     . HOH D 2 . ? 7.980   -4.482  9.953   1.00 32.34 ? 46 HOH B O     1 
HETATM 315 O  O     . HOH D 2 . ? 2.554   -10.947 0.267   1.00 39.67 ? 49 HOH B O     1 
HETATM 316 O  O     . HOH D 2 . ? -5.131  8.707   -2.087  0.91 44.36 ? 50 HOH B O     1 
HETATM 317 O  O     . HOH D 2 . ? 9.408   -6.411  5.253   1.00 31.10 ? 55 HOH B O     1 
HETATM 318 O  O     . HOH D 2 . ? 7.892   6.435   -2.204  1.00 16.53 ? 59 HOH B O     1 
HETATM 319 O  O     . HOH D 2 . ? 2.722   -4.712  -0.453  0.60 11.57 ? 61 HOH B O     1 
HETATM 320 O  O     . HOH D 2 . ? 0.379   -3.902  -0.535  0.85 32.39 ? 63 HOH B O     1 
HETATM 321 O  O     . HOH D 2 . ? -4.253  7.020   1.567   0.84 25.47 ? 67 HOH B O     1 
HETATM 322 O  O     . HOH D 2 . ? 6.484   10.761  -7.521  0.86 38.49 ? 68 HOH B O     1 
HETATM 323 O  O     . HOH D 2 . ? -1.010  -6.222  1.707   1.00 52.44 ? 70 HOH B O     1 
HETATM 324 O  O     . HOH D 2 . ? 3.982   -8.591  -5.232  0.64 30.94 ? 71 HOH B O     1 
HETATM 325 O  O     . HOH D 2 . ? 7.006   -2.776  7.839   0.59 14.91 ? 74 HOH B O     1 
HETATM 326 O  O     . HOH D 2 . ? -7.040  8.600   -4.764  1.00 49.73 ? 76 HOH B O     1 
HETATM 327 O  O     . HOH D 2 . ? 3.423   -8.300  -2.100  0.70 45.58 ? 78 HOH B O     1 
HETATM 328 O  O     . HOH D 2 . ? -1.433  -8.935  3.110   0.65 41.75 ? 80 HOH B O     1 
HETATM 329 O  O     . HOH D 2 . ? 6.918   6.766   -4.363  0.47 43.74 ? 93 HOH B O     1 
# 
